data_9L90
#
_entry.id   9L90
#
_cell.length_a   60.739
_cell.length_b   60.839
_cell.length_c   262.520
_cell.angle_alpha   90.00
_cell.angle_beta   90.00
_cell.angle_gamma   90.00
#
_symmetry.space_group_name_H-M   'P 21 21 21'
#
loop_
_entity.id
_entity.type
_entity.pdbx_description
1 polymer 'Ryanodine receptor 3'
2 non-polymer Dantrolene
3 non-polymer 'PHOSPHOMETHYLPHOSPHONIC ACID ADENYLATE ESTER'
4 water water
#
_entity_poly.entity_id   1
_entity_poly.type   'polypeptide(L)'
_entity_poly.pdbx_seq_one_letter_code
;SNASFIPCPVDTSQVILPPHLEKIRDRLAENIHELWGMNKIELGWTFGKIRDDNKRQHPCLVEFSKLPETEKNYNLQMST
ETLKTLLALGCHIAHVNPAAEEDLKKVKLPKNYMMSNGYKPAPLDLSDVKLLPPQEILVDKLAENAHNVWAKDRIKQGWT
YGIQQDLKNKRNPRLVPYALLDERTKKSNRDSLREAVRTFVGYGYNIEPSDQELADSA
;
_entity_poly.pdbx_strand_id   A,B,C,D
#
loop_
_chem_comp.id
_chem_comp.type
_chem_comp.name
_chem_comp.formula
ACP non-polymer 'PHOSPHOMETHYLPHOSPHONIC ACID ADENYLATE ESTER' 'C11 H18 N5 O12 P3'
U1C non-polymer Dantrolene 'C14 H10 N4 O5'
#
# COMPACT_ATOMS: atom_id res chain seq x y z
N PHE A 5 -18.11 -22.51 26.48
CA PHE A 5 -18.94 -21.81 25.52
C PHE A 5 -19.56 -22.78 24.51
N ILE A 6 -20.88 -22.72 24.36
CA ILE A 6 -21.60 -23.66 23.50
C ILE A 6 -22.53 -22.89 22.57
N PRO A 7 -22.20 -22.77 21.28
CA PRO A 7 -23.09 -22.04 20.35
C PRO A 7 -24.19 -22.93 19.80
N CYS A 8 -25.35 -22.95 20.45
CA CYS A 8 -26.47 -23.76 19.98
C CYS A 8 -27.57 -22.88 19.41
N PRO A 9 -27.72 -22.82 18.08
CA PRO A 9 -28.76 -21.96 17.49
C PRO A 9 -30.10 -22.67 17.39
N VAL A 10 -31.07 -22.04 16.72
CA VAL A 10 -32.36 -22.66 16.50
C VAL A 10 -32.18 -23.86 15.59
N ASP A 11 -32.83 -24.98 15.94
CA ASP A 11 -32.65 -26.22 15.22
C ASP A 11 -33.25 -26.12 13.81
N THR A 12 -32.40 -26.27 12.80
CA THR A 12 -32.81 -26.18 11.40
C THR A 12 -32.96 -27.54 10.72
N SER A 13 -33.03 -28.63 11.47
CA SER A 13 -33.15 -29.94 10.82
C SER A 13 -34.59 -30.28 10.48
N GLN A 14 -35.52 -30.05 11.40
CA GLN A 14 -36.93 -30.31 11.16
C GLN A 14 -37.55 -29.28 10.22
N VAL A 15 -36.79 -28.80 9.26
CA VAL A 15 -37.26 -27.76 8.35
C VAL A 15 -36.72 -28.06 6.95
N ILE A 16 -37.57 -27.86 5.94
CA ILE A 16 -37.16 -28.00 4.55
C ILE A 16 -37.42 -26.68 3.85
N LEU A 17 -36.69 -26.44 2.75
CA LEU A 17 -36.85 -25.21 1.97
C LEU A 17 -37.67 -25.48 0.73
N PRO A 18 -38.84 -24.88 0.55
CA PRO A 18 -39.62 -25.15 -0.64
C PRO A 18 -38.88 -24.69 -1.89
N PRO A 19 -39.06 -25.39 -3.01
CA PRO A 19 -38.31 -25.02 -4.22
C PRO A 19 -38.61 -23.62 -4.74
N HIS A 20 -39.76 -23.05 -4.40
CA HIS A 20 -40.11 -21.71 -4.84
C HIS A 20 -39.39 -20.62 -4.06
N LEU A 21 -38.72 -20.97 -2.96
CA LEU A 21 -37.88 -20.02 -2.24
C LEU A 21 -36.41 -20.12 -2.64
N GLU A 22 -36.05 -21.10 -3.47
CA GLU A 22 -34.67 -21.20 -3.92
C GLU A 22 -34.25 -19.97 -4.70
N LYS A 23 -35.21 -19.30 -5.35
CA LYS A 23 -34.89 -18.10 -6.12
C LYS A 23 -34.30 -17.02 -5.20
N ILE A 24 -34.98 -16.70 -4.10
CA ILE A 24 -34.46 -15.68 -3.18
C ILE A 24 -33.16 -16.15 -2.55
N ARG A 25 -33.08 -17.44 -2.22
CA ARG A 25 -31.85 -17.98 -1.66
C ARG A 25 -30.65 -17.66 -2.54
N ASP A 26 -30.85 -17.69 -3.86
CA ASP A 26 -29.75 -17.38 -4.77
C ASP A 26 -29.46 -15.89 -4.79
N ARG A 27 -30.52 -15.08 -4.90
CA ARG A 27 -30.35 -13.63 -4.91
C ARG A 27 -29.93 -13.08 -3.55
N LEU A 28 -30.43 -13.68 -2.46
CA LEU A 28 -30.03 -13.23 -1.13
C LEU A 28 -28.53 -13.42 -0.92
N ALA A 29 -27.98 -14.53 -1.42
CA ALA A 29 -26.54 -14.77 -1.29
C ALA A 29 -25.75 -13.74 -2.09
N GLU A 30 -26.26 -13.35 -3.27
CA GLU A 30 -25.58 -12.35 -4.08
C GLU A 30 -25.50 -11.02 -3.35
N ASN A 31 -26.64 -10.54 -2.83
CA ASN A 31 -26.66 -9.25 -2.16
C ASN A 31 -25.81 -9.25 -0.91
N ILE A 32 -25.84 -10.35 -0.14
CA ILE A 32 -25.03 -10.43 1.07
C ILE A 32 -23.55 -10.37 0.73
N HIS A 33 -23.17 -10.94 -0.41
CA HIS A 33 -21.78 -10.85 -0.85
C HIS A 33 -21.44 -9.46 -1.37
N GLU A 34 -22.37 -8.84 -2.09
CA GLU A 34 -22.16 -7.47 -2.55
C GLU A 34 -21.91 -6.52 -1.38
N LEU A 35 -22.69 -6.66 -0.30
CA LEU A 35 -22.47 -5.83 0.88
C LEU A 35 -21.12 -6.12 1.51
N TRP A 36 -20.69 -7.37 1.53
CA TRP A 36 -19.38 -7.71 2.07
C TRP A 36 -18.27 -7.10 1.23
N GLY A 37 -18.34 -7.26 -0.08
CA GLY A 37 -17.31 -6.71 -0.94
C GLY A 37 -17.14 -5.21 -0.77
N MET A 38 -18.25 -4.50 -0.58
CA MET A 38 -18.18 -3.06 -0.38
C MET A 38 -17.47 -2.73 0.93
N ASN A 39 -17.91 -3.35 2.03
CA ASN A 39 -17.31 -3.08 3.33
C ASN A 39 -15.83 -3.43 3.36
N LYS A 40 -15.41 -4.43 2.56
CA LYS A 40 -14.01 -4.81 2.57
C LYS A 40 -13.14 -3.79 1.86
N ILE A 41 -13.60 -3.28 0.71
CA ILE A 41 -12.88 -2.18 0.07
C ILE A 41 -12.88 -0.94 0.96
N GLU A 42 -14.00 -0.69 1.65
CA GLU A 42 -14.11 0.43 2.56
C GLU A 42 -13.14 0.36 3.73
N LEU A 43 -12.35 -0.71 3.82
CA LEU A 43 -11.43 -0.90 4.92
C LEU A 43 -10.15 -1.58 4.45
N GLY A 44 -9.50 -0.94 3.48
CA GLY A 44 -8.11 -1.21 3.16
C GLY A 44 -7.83 -2.38 2.26
N TRP A 45 -8.84 -3.01 1.67
CA TRP A 45 -8.64 -4.25 0.93
C TRP A 45 -8.71 -4.01 -0.57
N THR A 46 -8.19 -4.98 -1.32
CA THR A 46 -8.15 -4.95 -2.78
C THR A 46 -8.16 -6.36 -3.31
N PHE A 47 -8.18 -6.50 -4.63
CA PHE A 47 -8.21 -7.80 -5.28
C PHE A 47 -6.81 -8.41 -5.36
N GLY A 48 -6.76 -9.73 -5.24
CA GLY A 48 -5.53 -10.48 -5.43
C GLY A 48 -5.85 -11.94 -5.69
N LYS A 49 -4.84 -12.64 -6.23
CA LYS A 49 -4.98 -14.05 -6.53
C LYS A 49 -4.25 -14.96 -5.55
N ILE A 50 -3.20 -14.48 -4.90
CA ILE A 50 -2.52 -15.23 -3.84
C ILE A 50 -2.71 -14.41 -2.58
N ARG A 51 -3.61 -14.87 -1.72
CA ARG A 51 -3.98 -14.12 -0.52
C ARG A 51 -2.82 -13.95 0.45
N ASP A 52 -2.51 -12.70 0.77
CA ASP A 52 -1.52 -12.35 1.79
C ASP A 52 -2.16 -11.31 2.69
N ASP A 53 -2.46 -11.69 3.93
CA ASP A 53 -3.30 -10.86 4.79
C ASP A 53 -2.65 -9.51 5.07
N ASN A 54 -1.32 -9.43 5.04
CA ASN A 54 -0.65 -8.16 5.31
C ASN A 54 -0.78 -7.19 4.15
N LYS A 55 -0.80 -7.68 2.91
CA LYS A 55 -0.90 -6.82 1.73
C LYS A 55 -2.32 -6.35 1.45
N ARG A 56 -3.31 -6.82 2.22
CA ARG A 56 -4.71 -6.43 2.02
C ARG A 56 -5.22 -6.86 0.64
N GLN A 57 -4.74 -7.99 0.15
CA GLN A 57 -5.21 -8.57 -1.10
C GLN A 57 -6.19 -9.69 -0.82
N HIS A 58 -7.24 -9.79 -1.64
CA HIS A 58 -8.29 -10.77 -1.41
C HIS A 58 -8.74 -11.36 -2.75
N PRO A 59 -8.89 -12.69 -2.82
CA PRO A 59 -9.39 -13.30 -4.05
C PRO A 59 -10.90 -13.35 -4.11
N CYS A 60 -11.54 -13.32 -2.94
CA CYS A 60 -12.99 -13.44 -2.86
C CYS A 60 -13.72 -12.14 -3.20
N LEU A 61 -13.01 -11.04 -3.39
CA LEU A 61 -13.62 -9.76 -3.75
C LEU A 61 -13.89 -9.74 -5.25
N VAL A 62 -14.80 -10.62 -5.67
CA VAL A 62 -15.15 -10.79 -7.07
C VAL A 62 -16.66 -10.98 -7.17
N GLU A 63 -17.16 -10.97 -8.41
CA GLU A 63 -18.58 -11.17 -8.63
C GLU A 63 -19.02 -12.55 -8.15
N PHE A 64 -20.29 -12.65 -7.76
CA PHE A 64 -20.79 -13.88 -7.14
C PHE A 64 -20.64 -15.09 -8.06
N SER A 65 -20.64 -14.87 -9.38
CA SER A 65 -20.54 -15.98 -10.32
C SER A 65 -19.12 -16.50 -10.48
N LYS A 66 -18.12 -15.69 -10.13
CA LYS A 66 -16.72 -16.06 -10.28
C LYS A 66 -16.10 -16.63 -9.01
N LEU A 67 -16.84 -16.70 -7.91
CA LEU A 67 -16.29 -17.23 -6.68
C LEU A 67 -15.90 -18.69 -6.86
N PRO A 68 -14.88 -19.16 -6.15
CA PRO A 68 -14.61 -20.60 -6.10
C PRO A 68 -15.73 -21.34 -5.40
N GLU A 69 -15.75 -22.66 -5.62
CA GLU A 69 -16.86 -23.46 -5.14
C GLU A 69 -16.85 -23.60 -3.62
N THR A 70 -15.66 -23.73 -3.01
CA THR A 70 -15.61 -23.93 -1.58
C THR A 70 -16.20 -22.75 -0.82
N GLU A 71 -15.86 -21.54 -1.21
CA GLU A 71 -16.45 -20.36 -0.57
C GLU A 71 -17.89 -20.15 -1.00
N LYS A 72 -18.21 -20.54 -2.24
CA LYS A 72 -19.55 -20.29 -2.78
C LYS A 72 -20.62 -21.06 -2.00
N ASN A 73 -20.43 -22.37 -1.82
CA ASN A 73 -21.44 -23.17 -1.13
C ASN A 73 -21.71 -22.61 0.27
N TYR A 74 -20.66 -22.14 0.94
CA TYR A 74 -20.81 -21.59 2.28
C TYR A 74 -21.72 -20.37 2.25
N ASN A 75 -21.68 -19.59 1.17
CA ASN A 75 -22.57 -18.44 1.05
C ASN A 75 -24.00 -18.87 0.75
N LEU A 76 -24.17 -19.97 0.01
CA LEU A 76 -25.52 -20.47 -0.26
C LEU A 76 -26.10 -21.20 0.94
N GLN A 77 -25.27 -21.94 1.67
CA GLN A 77 -25.75 -22.67 2.83
C GLN A 77 -26.18 -21.72 3.94
N MET A 78 -25.33 -20.74 4.26
CA MET A 78 -25.69 -19.74 5.27
C MET A 78 -26.96 -18.99 4.87
N SER A 79 -27.11 -18.72 3.58
CA SER A 79 -28.35 -18.10 3.10
C SER A 79 -29.53 -19.05 3.28
N THR A 80 -29.33 -20.34 2.96
CA THR A 80 -30.42 -21.30 3.13
C THR A 80 -30.77 -21.48 4.60
N GLU A 81 -29.76 -21.51 5.47
CA GLU A 81 -30.03 -21.64 6.90
C GLU A 81 -30.78 -20.44 7.45
N THR A 82 -30.52 -19.26 6.90
CA THR A 82 -31.23 -18.06 7.34
C THR A 82 -32.72 -18.17 7.04
N LEU A 83 -33.07 -18.55 5.81
CA LEU A 83 -34.48 -18.76 5.47
C LEU A 83 -35.10 -19.84 6.36
N LYS A 84 -34.42 -20.98 6.52
CA LYS A 84 -34.95 -22.05 7.36
C LYS A 84 -35.14 -21.59 8.79
N THR A 85 -34.31 -20.66 9.27
CA THR A 85 -34.44 -20.21 10.65
C THR A 85 -35.75 -19.46 10.86
N LEU A 86 -36.15 -18.63 9.89
CA LEU A 86 -37.44 -17.95 9.98
C LEU A 86 -38.59 -18.95 10.02
N LEU A 87 -38.51 -20.00 9.19
CA LEU A 87 -39.56 -21.02 9.19
C LEU A 87 -39.61 -21.75 10.53
N ALA A 88 -38.45 -22.01 11.14
CA ALA A 88 -38.41 -22.68 12.43
C ALA A 88 -38.91 -21.79 13.57
N LEU A 89 -39.02 -20.49 13.34
CA LEU A 89 -39.54 -19.57 14.36
C LEU A 89 -41.03 -19.33 14.23
N GLY A 90 -41.66 -19.88 13.19
CA GLY A 90 -43.08 -19.74 12.98
C GLY A 90 -43.46 -18.64 12.01
N CYS A 91 -42.50 -18.08 11.29
CA CYS A 91 -42.75 -17.02 10.32
C CYS A 91 -42.76 -17.57 8.91
N HIS A 92 -43.49 -16.88 8.05
CA HIS A 92 -43.69 -17.29 6.67
C HIS A 92 -43.02 -16.30 5.72
N ILE A 93 -42.65 -16.79 4.54
CA ILE A 93 -42.05 -15.97 3.50
C ILE A 93 -42.94 -16.15 2.27
N ALA A 94 -43.52 -15.04 1.81
CA ALA A 94 -44.49 -15.10 0.71
C ALA A 94 -44.37 -13.86 -0.17
N HIS A 95 -44.55 -14.07 -1.47
CA HIS A 95 -44.52 -13.02 -2.47
C HIS A 95 -45.89 -12.37 -2.60
N VAL A 96 -45.95 -11.05 -2.54
CA VAL A 96 -47.21 -10.32 -2.64
C VAL A 96 -47.09 -9.27 -3.75
N ASN A 97 -46.05 -8.44 -3.67
CA ASN A 97 -45.86 -7.36 -4.64
C ASN A 97 -45.10 -7.88 -5.85
N PRO A 98 -45.73 -8.07 -7.00
CA PRO A 98 -45.03 -8.68 -8.14
C PRO A 98 -44.10 -7.74 -8.89
N ALA A 99 -44.21 -6.43 -8.69
CA ALA A 99 -43.40 -5.46 -9.41
C ALA A 99 -42.19 -4.98 -8.61
N ALA A 100 -41.99 -5.49 -7.39
CA ALA A 100 -40.89 -4.98 -6.56
C ALA A 100 -39.52 -5.34 -7.13
N GLU A 101 -39.39 -6.50 -7.77
CA GLU A 101 -38.08 -6.86 -8.31
C GLU A 101 -37.69 -5.98 -9.49
N GLU A 102 -38.69 -5.46 -10.23
CA GLU A 102 -38.41 -4.51 -11.29
C GLU A 102 -38.11 -3.12 -10.74
N ASP A 103 -38.74 -2.75 -9.63
CA ASP A 103 -38.49 -1.47 -8.97
C ASP A 103 -37.38 -1.56 -7.94
N LEU A 104 -36.43 -2.46 -8.15
CA LEU A 104 -35.31 -2.69 -7.22
C LEU A 104 -34.02 -2.34 -7.94
N LYS A 105 -33.62 -1.07 -7.89
CA LYS A 105 -32.38 -0.66 -8.51
C LYS A 105 -31.21 -1.04 -7.61
N LYS A 106 -30.00 -0.99 -8.17
CA LYS A 106 -28.80 -1.35 -7.44
C LYS A 106 -27.94 -0.11 -7.19
N VAL A 107 -27.24 -0.14 -6.06
CA VAL A 107 -26.38 0.97 -5.66
C VAL A 107 -25.12 1.00 -6.52
N LYS A 108 -24.75 2.20 -6.96
CA LYS A 108 -23.57 2.42 -7.77
C LYS A 108 -22.62 3.29 -6.97
N LEU A 109 -21.39 2.82 -6.80
CA LEU A 109 -20.43 3.44 -5.92
C LEU A 109 -19.41 4.26 -6.71
N PRO A 110 -18.57 5.02 -6.03
CA PRO A 110 -17.59 5.85 -6.74
C PRO A 110 -16.69 5.01 -7.64
N LYS A 111 -15.94 5.72 -8.49
CA LYS A 111 -15.08 5.04 -9.45
C LYS A 111 -13.93 4.31 -8.78
N ASN A 112 -13.48 4.79 -7.61
CA ASN A 112 -12.37 4.16 -6.91
C ASN A 112 -12.71 2.77 -6.38
N TYR A 113 -13.98 2.38 -6.41
CA TYR A 113 -14.41 1.06 -5.94
C TYR A 113 -14.21 -0.05 -6.97
N MET A 114 -13.66 0.24 -8.15
CA MET A 114 -13.40 -0.80 -9.14
C MET A 114 -11.96 -1.27 -9.02
N MET A 115 -11.78 -2.60 -9.05
CA MET A 115 -10.49 -3.22 -8.82
C MET A 115 -9.97 -3.87 -10.10
N SER A 116 -8.90 -4.67 -9.97
CA SER A 116 -8.19 -5.28 -11.08
C SER A 116 -8.85 -6.56 -11.59
N ASN A 117 -10.10 -6.84 -11.22
CA ASN A 117 -10.81 -8.01 -11.69
C ASN A 117 -12.06 -7.66 -12.47
N GLY A 118 -12.34 -6.38 -12.70
CA GLY A 118 -13.57 -5.97 -13.32
C GLY A 118 -14.76 -5.97 -12.39
N TYR A 119 -14.57 -6.28 -11.12
CA TYR A 119 -15.63 -6.34 -10.12
C TYR A 119 -15.69 -5.04 -9.35
N LYS A 120 -16.90 -4.49 -9.22
CA LYS A 120 -17.14 -3.31 -8.40
C LYS A 120 -18.42 -3.54 -7.61
N PRO A 121 -18.37 -3.50 -6.28
CA PRO A 121 -19.55 -3.88 -5.50
C PRO A 121 -20.76 -3.05 -5.85
N ALA A 122 -21.89 -3.72 -6.05
CA ALA A 122 -23.15 -3.08 -6.43
C ALA A 122 -24.30 -3.73 -5.66
N PRO A 123 -24.36 -3.54 -4.36
CA PRO A 123 -25.51 -4.06 -3.60
C PRO A 123 -26.79 -3.33 -4.00
N LEU A 124 -27.91 -3.96 -3.67
CA LEU A 124 -29.21 -3.37 -4.00
C LEU A 124 -29.44 -2.11 -3.20
N ASP A 125 -30.08 -1.12 -3.83
CA ASP A 125 -30.38 0.16 -3.18
C ASP A 125 -31.64 -0.01 -2.35
N LEU A 126 -31.45 -0.54 -1.14
CA LEU A 126 -32.54 -0.82 -0.21
C LEU A 126 -32.65 0.23 0.90
N SER A 127 -32.24 1.47 0.63
CA SER A 127 -32.28 2.50 1.66
C SER A 127 -33.69 3.01 1.93
N ASP A 128 -34.58 2.94 0.95
CA ASP A 128 -35.95 3.41 1.10
C ASP A 128 -36.91 2.33 1.61
N VAL A 129 -36.38 1.25 2.17
CA VAL A 129 -37.20 0.15 2.68
C VAL A 129 -37.32 0.33 4.18
N LYS A 130 -38.55 0.52 4.66
CA LYS A 130 -38.82 0.66 6.08
C LYS A 130 -39.33 -0.65 6.67
N LEU A 131 -38.94 -0.91 7.91
CA LEU A 131 -39.30 -2.13 8.62
C LEU A 131 -40.17 -1.79 9.82
N LEU A 132 -41.11 -2.69 10.11
CA LEU A 132 -41.95 -2.52 11.29
C LEU A 132 -41.20 -3.00 12.54
N PRO A 133 -41.61 -2.52 13.71
CA PRO A 133 -40.92 -2.90 14.96
C PRO A 133 -40.79 -4.41 15.08
N PRO A 134 -41.86 -5.17 14.81
CA PRO A 134 -41.75 -6.64 14.92
C PRO A 134 -40.67 -7.23 14.05
N GLN A 135 -40.41 -6.65 12.87
CA GLN A 135 -39.33 -7.12 12.03
C GLN A 135 -37.97 -6.73 12.57
N GLU A 136 -37.89 -5.66 13.37
CA GLU A 136 -36.63 -5.30 14.01
C GLU A 136 -36.25 -6.31 15.09
N ILE A 137 -37.22 -6.73 15.91
CA ILE A 137 -36.94 -7.75 16.91
C ILE A 137 -36.54 -9.05 16.24
N LEU A 138 -37.06 -9.31 15.04
CA LEU A 138 -36.67 -10.50 14.29
C LEU A 138 -35.23 -10.39 13.81
N VAL A 139 -34.85 -9.24 13.26
CA VAL A 139 -33.49 -9.09 12.77
C VAL A 139 -32.48 -9.15 13.92
N ASP A 140 -32.82 -8.55 15.07
CA ASP A 140 -31.95 -8.62 16.23
C ASP A 140 -31.82 -10.06 16.73
N LYS A 141 -32.93 -10.80 16.73
CA LYS A 141 -32.89 -12.19 17.15
C LYS A 141 -32.15 -13.04 16.13
N LEU A 142 -32.41 -12.80 14.84
CA LEU A 142 -31.69 -13.51 13.79
C LEU A 142 -30.19 -13.26 13.86
N ALA A 143 -29.79 -12.07 14.27
CA ALA A 143 -28.37 -11.74 14.32
C ALA A 143 -27.64 -12.60 15.35
N GLU A 144 -28.22 -12.73 16.55
CA GLU A 144 -27.62 -13.58 17.57
C GLU A 144 -27.53 -15.03 17.11
N ASN A 145 -28.51 -15.48 16.32
CA ASN A 145 -28.49 -16.85 15.82
C ASN A 145 -27.40 -17.03 14.75
N ALA A 146 -27.23 -16.04 13.88
CA ALA A 146 -26.19 -16.14 12.85
C ALA A 146 -24.83 -16.30 13.48
N HIS A 147 -24.60 -15.70 14.65
CA HIS A 147 -23.35 -15.90 15.36
C HIS A 147 -23.19 -17.35 15.79
N ASN A 148 -24.28 -17.99 16.22
CA ASN A 148 -24.21 -19.37 16.70
C ASN A 148 -24.06 -20.37 15.55
N VAL A 149 -24.75 -20.14 14.43
CA VAL A 149 -24.58 -21.03 13.28
C VAL A 149 -23.14 -20.96 12.77
N TRP A 150 -22.56 -19.76 12.76
CA TRP A 150 -21.16 -19.62 12.40
C TRP A 150 -20.23 -20.25 13.43
N ALA A 151 -20.52 -20.07 14.71
CA ALA A 151 -19.63 -20.58 15.74
C ALA A 151 -19.66 -22.10 15.83
N LYS A 152 -20.81 -22.71 15.58
CA LYS A 152 -20.91 -24.17 15.68
C LYS A 152 -20.11 -24.86 14.57
N ASP A 153 -20.27 -24.41 13.33
CA ASP A 153 -19.54 -25.01 12.23
C ASP A 153 -18.03 -24.85 12.41
N ARG A 154 -17.59 -23.67 12.88
CA ARG A 154 -16.18 -23.45 13.15
C ARG A 154 -15.66 -24.36 14.26
N ILE A 155 -16.44 -24.52 15.33
CA ILE A 155 -15.99 -25.33 16.47
C ILE A 155 -15.72 -26.77 16.05
N LYS A 156 -16.56 -27.33 15.19
CA LYS A 156 -16.36 -28.71 14.76
C LYS A 156 -15.19 -28.85 13.80
N GLN A 157 -14.68 -27.74 13.27
CA GLN A 157 -13.43 -27.73 12.53
C GLN A 157 -12.23 -27.48 13.44
N GLY A 158 -12.47 -27.42 14.74
CA GLY A 158 -11.43 -27.21 15.72
C GLY A 158 -11.21 -25.78 16.16
N TRP A 159 -12.04 -24.84 15.70
CA TRP A 159 -11.83 -23.44 16.01
C TRP A 159 -12.22 -23.14 17.45
N THR A 160 -11.29 -22.54 18.19
CA THR A 160 -11.50 -22.09 19.56
C THR A 160 -11.14 -20.62 19.66
N TYR A 161 -11.04 -20.10 20.88
CA TYR A 161 -10.66 -18.71 21.07
C TYR A 161 -9.15 -18.55 21.02
N GLY A 162 -8.71 -17.39 20.55
CA GLY A 162 -7.32 -17.05 20.43
C GLY A 162 -7.16 -15.55 20.31
N ILE A 163 -6.31 -14.94 21.15
CA ILE A 163 -6.17 -13.49 21.15
C ILE A 163 -5.84 -12.95 19.77
N GLN A 164 -5.10 -13.70 18.97
CA GLN A 164 -4.75 -13.29 17.62
C GLN A 164 -5.38 -14.25 16.61
N GLN A 165 -5.99 -13.71 15.56
CA GLN A 165 -6.56 -14.53 14.51
C GLN A 165 -5.45 -15.28 13.78
N ASP A 166 -5.85 -16.22 12.92
CA ASP A 166 -4.88 -17.01 12.17
C ASP A 166 -5.53 -17.91 11.13
N LEU A 167 -5.13 -17.76 9.87
CA LEU A 167 -5.57 -18.55 8.73
C LEU A 167 -4.85 -19.91 8.59
N LYS A 168 -4.33 -20.45 9.69
CA LYS A 168 -3.62 -21.71 9.63
C LYS A 168 -3.70 -22.51 10.92
N ASN A 169 -4.27 -21.94 11.97
CA ASN A 169 -4.79 -22.69 13.10
C ASN A 169 -6.26 -22.32 13.27
N LYS A 170 -6.94 -23.03 14.17
CA LYS A 170 -8.35 -22.78 14.43
C LYS A 170 -8.54 -21.68 15.47
N ARG A 171 -7.91 -20.53 15.23
CA ARG A 171 -7.95 -19.42 16.17
C ARG A 171 -8.79 -18.27 15.60
N ASN A 172 -9.56 -17.62 16.48
CA ASN A 172 -10.36 -16.46 16.13
C ASN A 172 -10.82 -15.77 17.42
N PRO A 173 -10.56 -14.47 17.56
CA PRO A 173 -10.93 -13.78 18.82
C PRO A 173 -12.44 -13.59 18.98
N ARG A 174 -13.24 -13.85 17.95
CA ARG A 174 -14.68 -13.64 18.01
C ARG A 174 -15.45 -14.90 18.37
N LEU A 175 -14.77 -16.02 18.61
CA LEU A 175 -15.43 -17.25 19.03
C LEU A 175 -15.79 -17.16 20.53
N VAL A 176 -16.74 -16.28 20.81
CA VAL A 176 -17.19 -16.04 22.19
C VAL A 176 -18.70 -15.87 22.21
N PRO A 177 -19.31 -16.01 23.38
CA PRO A 177 -20.74 -15.78 23.51
C PRO A 177 -21.13 -14.41 22.99
N TYR A 178 -22.39 -14.29 22.57
CA TYR A 178 -22.87 -13.04 22.01
C TYR A 178 -22.85 -11.90 23.03
N ALA A 179 -22.87 -12.21 24.33
CA ALA A 179 -22.78 -11.17 25.34
C ALA A 179 -21.36 -10.63 25.47
N LEU A 180 -20.35 -11.52 25.41
CA LEU A 180 -18.96 -11.11 25.52
C LEU A 180 -18.37 -10.68 24.17
N LEU A 181 -19.21 -10.33 23.21
CA LEU A 181 -18.76 -9.92 21.88
C LEU A 181 -18.80 -8.42 21.76
N ASP A 182 -17.82 -7.85 21.07
CA ASP A 182 -17.77 -6.40 20.89
C ASP A 182 -19.02 -5.93 20.15
N GLU A 183 -19.58 -4.81 20.60
CA GLU A 183 -20.84 -4.33 20.03
C GLU A 183 -20.70 -3.98 18.56
N ARG A 184 -19.48 -3.72 18.09
CA ARG A 184 -19.27 -3.47 16.67
C ARG A 184 -19.65 -4.70 15.84
N THR A 185 -19.18 -5.88 16.26
CA THR A 185 -19.54 -7.09 15.55
C THR A 185 -21.01 -7.43 15.75
N LYS A 186 -21.53 -7.24 16.97
CA LYS A 186 -22.94 -7.49 17.21
C LYS A 186 -23.81 -6.60 16.33
N LYS A 187 -23.43 -5.32 16.19
CA LYS A 187 -24.16 -4.42 15.30
C LYS A 187 -23.98 -4.82 13.85
N SER A 188 -22.77 -5.29 13.50
CA SER A 188 -22.53 -5.72 12.12
C SER A 188 -23.45 -6.86 11.73
N ASN A 189 -23.69 -7.81 12.64
CA ASN A 189 -24.62 -8.89 12.34
C ASN A 189 -26.04 -8.37 12.18
N ARG A 190 -26.44 -7.43 13.03
CA ARG A 190 -27.77 -6.86 12.92
C ARG A 190 -27.95 -6.12 11.60
N ASP A 191 -26.95 -5.35 11.19
CA ASP A 191 -27.02 -4.65 9.91
C ASP A 191 -27.10 -5.63 8.74
N SER A 192 -26.32 -6.71 8.78
CA SER A 192 -26.32 -7.68 7.69
C SER A 192 -27.69 -8.32 7.52
N LEU A 193 -28.29 -8.76 8.63
CA LEU A 193 -29.62 -9.38 8.57
C LEU A 193 -30.73 -8.35 8.42
N ARG A 194 -30.47 -7.08 8.72
CA ARG A 194 -31.46 -6.05 8.42
C ARG A 194 -31.62 -5.89 6.91
N GLU A 195 -30.51 -5.91 6.16
CA GLU A 195 -30.58 -5.94 4.71
C GLU A 195 -31.10 -7.27 4.19
N ALA A 196 -30.86 -8.36 4.94
CA ALA A 196 -31.39 -9.65 4.52
C ALA A 196 -32.91 -9.61 4.47
N VAL A 197 -33.54 -9.07 5.52
CA VAL A 197 -34.99 -8.92 5.51
C VAL A 197 -35.41 -7.89 4.46
N ARG A 198 -34.64 -6.81 4.32
CA ARG A 198 -34.93 -5.85 3.26
C ARG A 198 -34.75 -6.46 1.88
N THR A 199 -33.83 -7.41 1.75
CA THR A 199 -33.68 -8.11 0.47
C THR A 199 -34.94 -8.88 0.11
N PHE A 200 -35.55 -9.56 1.10
CA PHE A 200 -36.83 -10.22 0.86
C PHE A 200 -37.89 -9.22 0.44
N VAL A 201 -38.04 -8.13 1.20
CA VAL A 201 -39.06 -7.13 0.89
C VAL A 201 -38.78 -6.45 -0.42
N GLY A 202 -37.50 -6.27 -0.76
CA GLY A 202 -37.17 -5.67 -2.04
C GLY A 202 -37.57 -6.52 -3.23
N TYR A 203 -37.71 -7.82 -3.02
CA TYR A 203 -38.16 -8.74 -4.05
C TYR A 203 -39.66 -9.01 -3.99
N GLY A 204 -40.36 -8.46 -3.00
CA GLY A 204 -41.79 -8.60 -2.87
C GLY A 204 -42.26 -9.65 -1.89
N TYR A 205 -41.50 -9.94 -0.85
CA TYR A 205 -41.84 -10.96 0.13
C TYR A 205 -42.34 -10.36 1.43
N ASN A 206 -43.42 -10.92 1.96
CA ASN A 206 -44.00 -10.52 3.24
C ASN A 206 -43.55 -11.52 4.31
N ILE A 207 -42.90 -11.04 5.36
CA ILE A 207 -42.56 -11.86 6.51
C ILE A 207 -43.71 -11.79 7.51
N GLU A 208 -44.21 -12.94 7.93
CA GLU A 208 -45.38 -12.92 8.80
C GLU A 208 -45.48 -14.22 9.59
N PRO A 209 -45.52 -14.16 10.92
CA PRO A 209 -45.69 -15.38 11.71
C PRO A 209 -47.05 -16.01 11.44
N SER A 210 -47.08 -17.34 11.52
CA SER A 210 -48.28 -18.12 11.25
C SER A 210 -49.53 -17.51 11.88
N PHE B 5 15.48 -7.05 -46.17
CA PHE B 5 15.93 -6.24 -45.06
C PHE B 5 17.05 -6.94 -44.28
N ILE B 6 18.16 -6.24 -44.09
CA ILE B 6 19.34 -6.80 -43.44
C ILE B 6 19.79 -5.85 -42.34
N PRO B 7 19.52 -6.15 -41.07
CA PRO B 7 19.94 -5.25 -39.99
C PRO B 7 21.36 -5.51 -39.51
N CYS B 8 22.35 -4.85 -40.12
CA CYS B 8 23.74 -4.98 -39.70
C CYS B 8 24.18 -3.69 -39.03
N PRO B 9 24.30 -3.63 -37.71
CA PRO B 9 24.69 -2.38 -37.05
C PRO B 9 26.19 -2.16 -37.00
N VAL B 10 26.61 -1.12 -36.29
CA VAL B 10 28.03 -0.85 -36.12
C VAL B 10 28.66 -1.97 -35.28
N ASP B 11 29.81 -2.45 -35.72
CA ASP B 11 30.46 -3.57 -35.06
C ASP B 11 30.96 -3.15 -33.68
N THR B 12 30.47 -3.82 -32.66
CA THR B 12 30.86 -3.53 -31.28
C THR B 12 31.96 -4.46 -30.78
N SER B 13 32.61 -5.19 -31.68
CA SER B 13 33.70 -6.07 -31.33
C SER B 13 35.01 -5.28 -31.32
N GLN B 14 36.09 -5.94 -30.90
CA GLN B 14 37.41 -5.31 -30.79
C GLN B 14 37.36 -4.02 -29.97
N VAL B 15 36.33 -3.88 -29.13
CA VAL B 15 36.18 -2.72 -28.25
C VAL B 15 35.55 -3.21 -26.96
N ILE B 16 36.08 -2.75 -25.84
CA ILE B 16 35.56 -3.11 -24.52
C ILE B 16 35.14 -1.85 -23.78
N LEU B 17 34.30 -2.05 -22.76
CA LEU B 17 33.82 -0.96 -21.93
C LEU B 17 34.63 -0.93 -20.64
N PRO B 18 35.38 0.14 -20.36
CA PRO B 18 36.20 0.14 -19.16
C PRO B 18 35.32 0.11 -17.92
N PRO B 19 35.82 -0.48 -16.82
CA PRO B 19 34.98 -0.63 -15.63
C PRO B 19 34.52 0.69 -15.02
N HIS B 20 35.21 1.80 -15.29
CA HIS B 20 34.77 3.07 -14.76
C HIS B 20 33.57 3.64 -15.51
N LEU B 21 33.21 3.05 -16.65
CA LEU B 21 32.00 3.41 -17.37
C LEU B 21 30.83 2.48 -17.07
N GLU B 22 31.08 1.37 -16.37
CA GLU B 22 29.99 0.46 -16.02
C GLU B 22 28.97 1.13 -15.12
N LYS B 23 29.42 2.04 -14.26
CA LYS B 23 28.51 2.71 -13.34
C LYS B 23 27.49 3.55 -14.08
N ILE B 24 27.95 4.42 -14.99
CA ILE B 24 27.03 5.28 -15.71
C ILE B 24 26.07 4.43 -16.55
N ARG B 25 26.58 3.35 -17.14
CA ARG B 25 25.73 2.44 -17.91
C ARG B 25 24.55 1.97 -17.07
N ASP B 26 24.78 1.76 -15.77
CA ASP B 26 23.71 1.32 -14.89
C ASP B 26 22.70 2.43 -14.66
N ARG B 27 23.16 3.67 -14.48
CA ARG B 27 22.23 4.78 -14.33
C ARG B 27 21.47 5.01 -15.64
N LEU B 28 22.13 4.79 -16.78
CA LEU B 28 21.45 4.91 -18.06
C LEU B 28 20.32 3.89 -18.20
N ALA B 29 20.55 2.66 -17.76
CA ALA B 29 19.52 1.63 -17.86
C ALA B 29 18.33 1.97 -16.97
N GLU B 30 18.60 2.49 -15.77
CA GLU B 30 17.52 2.89 -14.89
C GLU B 30 16.70 4.02 -15.50
N ASN B 31 17.38 5.07 -15.98
CA ASN B 31 16.68 6.21 -16.56
C ASN B 31 15.95 5.82 -17.83
N ILE B 32 16.56 4.96 -18.66
CA ILE B 32 15.91 4.54 -19.89
C ILE B 32 14.63 3.77 -19.59
N HIS B 33 14.61 3.03 -18.48
CA HIS B 33 13.38 2.34 -18.09
C HIS B 33 12.36 3.31 -17.53
N GLU B 34 12.83 4.32 -16.76
CA GLU B 34 11.92 5.34 -16.28
C GLU B 34 11.26 6.08 -17.44
N LEU B 35 12.04 6.41 -18.47
CA LEU B 35 11.44 7.02 -19.66
C LEU B 35 10.49 6.06 -20.35
N TRP B 36 10.83 4.78 -20.39
CA TRP B 36 9.93 3.81 -20.99
C TRP B 36 8.63 3.71 -20.20
N GLY B 37 8.74 3.56 -18.89
CA GLY B 37 7.53 3.47 -18.07
C GLY B 37 6.67 4.72 -18.20
N MET B 38 7.31 5.88 -18.26
CA MET B 38 6.55 7.13 -18.38
C MET B 38 5.83 7.21 -19.71
N ASN B 39 6.56 7.03 -20.82
CA ASN B 39 5.93 7.15 -22.13
C ASN B 39 4.82 6.12 -22.31
N LYS B 40 4.98 4.93 -21.74
CA LYS B 40 3.98 3.88 -21.90
C LYS B 40 2.76 4.11 -21.02
N ILE B 41 2.98 4.54 -19.76
CA ILE B 41 1.84 4.94 -18.93
C ILE B 41 1.13 6.12 -19.57
N GLU B 42 1.88 7.02 -20.21
CA GLU B 42 1.31 8.15 -20.93
C GLU B 42 0.39 7.75 -22.06
N LEU B 43 0.22 6.45 -22.29
CA LEU B 43 -0.60 5.96 -23.38
C LEU B 43 -1.34 4.70 -22.93
N GLY B 44 -2.14 4.86 -21.88
CA GLY B 44 -3.17 3.90 -21.52
C GLY B 44 -2.76 2.73 -20.67
N TRP B 45 -1.53 2.68 -20.17
CA TRP B 45 -1.04 1.50 -19.49
C TRP B 45 -1.03 1.68 -17.97
N THR B 46 -0.95 0.54 -17.27
CA THR B 46 -0.95 0.49 -15.82
C THR B 46 -0.17 -0.75 -15.39
N PHE B 47 -0.06 -0.95 -14.08
CA PHE B 47 0.66 -2.11 -13.57
C PHE B 47 -0.23 -3.34 -13.63
N GLY B 48 0.38 -4.49 -13.93
CA GLY B 48 -0.33 -5.75 -13.97
C GLY B 48 0.65 -6.89 -13.89
N LYS B 49 0.11 -8.09 -13.63
CA LYS B 49 0.93 -9.28 -13.53
C LYS B 49 0.84 -10.21 -14.74
N ILE B 50 -0.25 -10.15 -15.50
CA ILE B 50 -0.40 -10.92 -16.74
C ILE B 50 -0.49 -9.92 -17.88
N ARG B 51 0.52 -9.91 -18.75
CA ARG B 51 0.57 -8.94 -19.83
C ARG B 51 -0.71 -9.06 -20.66
N ASP B 52 -1.49 -7.98 -20.70
CA ASP B 52 -2.74 -7.93 -21.44
C ASP B 52 -2.79 -6.60 -22.21
N ASP B 53 -2.46 -6.64 -23.49
CA ASP B 53 -2.45 -5.43 -24.30
C ASP B 53 -3.82 -4.75 -24.30
N ASN B 54 -4.90 -5.52 -24.17
CA ASN B 54 -6.23 -4.93 -24.15
C ASN B 54 -6.48 -4.14 -22.87
N LYS B 55 -6.01 -4.66 -21.74
CA LYS B 55 -6.15 -3.98 -20.46
C LYS B 55 -4.95 -3.10 -20.12
N ARG B 56 -3.91 -3.09 -20.95
CA ARG B 56 -2.73 -2.29 -20.72
C ARG B 56 -2.01 -2.70 -19.43
N GLN B 57 -2.19 -3.95 -19.02
CA GLN B 57 -1.48 -4.48 -17.87
C GLN B 57 -0.03 -4.77 -18.22
N HIS B 58 0.85 -4.58 -17.25
CA HIS B 58 2.28 -4.82 -17.49
C HIS B 58 2.99 -5.11 -16.18
N PRO B 59 3.70 -6.25 -16.08
CA PRO B 59 4.44 -6.54 -14.85
C PRO B 59 5.72 -5.73 -14.70
N CYS B 60 6.24 -5.15 -15.77
CA CYS B 60 7.47 -4.37 -15.70
C CYS B 60 7.22 -2.92 -15.26
N LEU B 61 6.00 -2.58 -14.88
CA LEU B 61 5.70 -1.25 -14.32
C LEU B 61 6.19 -1.18 -12.88
N VAL B 62 7.49 -1.40 -12.72
CA VAL B 62 8.13 -1.44 -11.40
C VAL B 62 9.53 -0.88 -11.54
N GLU B 63 10.13 -0.54 -10.40
CA GLU B 63 11.47 0.03 -10.42
C GLU B 63 12.46 -0.92 -11.08
N PHE B 64 13.49 -0.35 -11.70
CA PHE B 64 14.45 -1.15 -12.45
C PHE B 64 15.09 -2.25 -11.62
N SER B 65 15.05 -2.12 -10.28
CA SER B 65 15.71 -3.12 -9.44
C SER B 65 14.90 -4.40 -9.33
N LYS B 66 13.57 -4.30 -9.32
CA LYS B 66 12.70 -5.45 -9.14
C LYS B 66 12.20 -6.02 -10.47
N LEU B 67 12.83 -5.66 -11.58
CA LEU B 67 12.45 -6.22 -12.86
C LEU B 67 12.94 -7.68 -12.95
N PRO B 68 12.22 -8.52 -13.69
CA PRO B 68 12.67 -9.91 -13.86
C PRO B 68 14.03 -9.96 -14.53
N GLU B 69 14.88 -10.89 -14.08
CA GLU B 69 16.24 -10.97 -14.59
C GLU B 69 16.27 -11.09 -16.11
N THR B 70 15.32 -11.83 -16.68
CA THR B 70 15.33 -12.03 -18.13
C THR B 70 15.12 -10.71 -18.85
N GLU B 71 14.15 -9.91 -18.41
CA GLU B 71 13.92 -8.61 -19.01
C GLU B 71 14.96 -7.59 -18.57
N LYS B 72 15.42 -7.68 -17.31
CA LYS B 72 16.39 -6.73 -16.80
C LYS B 72 17.72 -6.83 -17.53
N ASN B 73 18.24 -8.05 -17.68
CA ASN B 73 19.54 -8.23 -18.32
C ASN B 73 19.55 -7.64 -19.72
N TYR B 74 18.45 -7.80 -20.47
CA TYR B 74 18.39 -7.27 -21.82
C TYR B 74 18.50 -5.76 -21.84
N ASN B 75 18.00 -5.09 -20.79
CA ASN B 75 18.13 -3.64 -20.71
C ASN B 75 19.56 -3.21 -20.42
N LEU B 76 20.33 -4.04 -19.72
CA LEU B 76 21.72 -3.69 -19.42
C LEU B 76 22.60 -3.82 -20.64
N GLN B 77 22.34 -4.81 -21.50
CA GLN B 77 23.16 -4.98 -22.71
C GLN B 77 22.98 -3.81 -23.66
N MET B 78 21.72 -3.42 -23.92
CA MET B 78 21.48 -2.28 -24.78
C MET B 78 22.12 -1.01 -24.23
N SER B 79 22.12 -0.85 -22.91
CA SER B 79 22.84 0.26 -22.31
C SER B 79 24.34 0.11 -22.52
N THR B 80 24.86 -1.10 -22.29
CA THR B 80 26.29 -1.34 -22.51
C THR B 80 26.64 -1.22 -23.99
N GLU B 81 25.79 -1.76 -24.86
CA GLU B 81 26.05 -1.68 -26.30
C GLU B 81 25.99 -0.25 -26.80
N THR B 82 25.15 0.58 -26.20
CA THR B 82 25.09 1.99 -26.60
C THR B 82 26.42 2.68 -26.35
N LEU B 83 26.99 2.46 -25.15
CA LEU B 83 28.32 2.95 -24.85
C LEU B 83 29.35 2.39 -25.84
N LYS B 84 29.29 1.08 -26.10
CA LYS B 84 30.22 0.47 -27.04
C LYS B 84 30.11 1.10 -28.42
N THR B 85 28.92 1.54 -28.82
CA THR B 85 28.77 2.17 -30.12
C THR B 85 29.48 3.52 -30.18
N LEU B 86 29.37 4.30 -29.10
CA LEU B 86 30.06 5.58 -29.04
C LEU B 86 31.57 5.40 -29.15
N LEU B 87 32.12 4.42 -28.43
CA LEU B 87 33.55 4.15 -28.53
C LEU B 87 33.94 3.66 -29.92
N ALA B 88 33.11 2.82 -30.52
CA ALA B 88 33.40 2.31 -31.86
C ALA B 88 33.21 3.36 -32.95
N LEU B 89 32.52 4.46 -32.66
CA LEU B 89 32.33 5.53 -33.63
C LEU B 89 33.39 6.62 -33.53
N GLY B 90 34.30 6.52 -32.58
CA GLY B 90 35.35 7.50 -32.43
C GLY B 90 35.12 8.53 -31.35
N CYS B 91 34.11 8.33 -30.51
CA CYS B 91 33.83 9.26 -29.43
C CYS B 91 34.38 8.70 -28.13
N HIS B 92 34.72 9.59 -27.21
CA HIS B 92 35.27 9.24 -25.91
C HIS B 92 34.28 9.63 -24.83
N ILE B 93 34.29 8.88 -23.73
CA ILE B 93 33.41 9.14 -22.61
C ILE B 93 34.28 9.30 -21.37
N ALA B 94 34.20 10.47 -20.76
CA ALA B 94 35.00 10.82 -19.59
C ALA B 94 34.17 11.70 -18.68
N HIS B 95 34.34 11.53 -17.37
CA HIS B 95 33.61 12.33 -16.40
C HIS B 95 34.37 13.63 -16.20
N VAL B 96 33.67 14.75 -16.33
CA VAL B 96 34.27 16.07 -16.20
C VAL B 96 33.56 16.92 -15.17
N ASN B 97 32.23 16.98 -15.24
CA ASN B 97 31.47 17.79 -14.33
C ASN B 97 31.20 17.00 -13.05
N PRO B 98 31.91 17.31 -11.95
CA PRO B 98 31.73 16.52 -10.72
C PRO B 98 30.50 16.90 -9.94
N ALA B 99 29.88 18.05 -10.23
CA ALA B 99 28.69 18.49 -9.52
C ALA B 99 27.40 18.15 -10.26
N ALA B 100 27.48 17.52 -11.43
CA ALA B 100 26.26 17.21 -12.17
C ALA B 100 25.44 16.14 -11.46
N GLU B 101 26.10 15.21 -10.78
CA GLU B 101 25.35 14.16 -10.07
C GLU B 101 24.64 14.73 -8.86
N GLU B 102 25.19 15.78 -8.24
CA GLU B 102 24.50 16.47 -7.16
C GLU B 102 23.43 17.43 -7.68
N ASP B 103 23.67 18.04 -8.85
CA ASP B 103 22.73 18.94 -9.49
C ASP B 103 21.80 18.22 -10.47
N LEU B 104 21.46 16.96 -10.20
CA LEU B 104 20.64 16.15 -11.10
C LEU B 104 19.32 15.85 -10.41
N LYS B 105 18.36 16.77 -10.55
CA LYS B 105 17.03 16.59 -10.01
C LYS B 105 16.20 15.70 -10.93
N LYS B 106 15.07 15.23 -10.41
CA LYS B 106 14.17 14.37 -11.15
C LYS B 106 12.85 15.06 -11.47
N VAL B 107 12.26 14.67 -12.60
CA VAL B 107 10.97 15.22 -13.01
C VAL B 107 9.88 14.64 -12.12
N LYS B 108 8.95 15.49 -11.70
CA LYS B 108 7.87 15.08 -10.81
C LYS B 108 6.55 15.18 -11.56
N LEU B 109 5.83 14.08 -11.61
CA LEU B 109 4.61 13.95 -12.41
C LEU B 109 3.37 14.02 -11.52
N PRO B 110 2.19 14.09 -12.13
CA PRO B 110 0.95 14.16 -11.34
C PRO B 110 0.78 12.94 -10.45
N LYS B 111 -0.17 13.05 -9.52
CA LYS B 111 -0.41 11.97 -8.57
C LYS B 111 -1.00 10.74 -9.25
N ASN B 112 -1.76 10.93 -10.34
CA ASN B 112 -2.39 9.81 -11.03
C ASN B 112 -1.38 8.92 -11.75
N TYR B 113 -0.11 9.31 -11.82
CA TYR B 113 0.89 8.48 -12.46
C TYR B 113 1.39 7.34 -11.56
N MET B 114 0.91 7.24 -10.33
CA MET B 114 1.25 6.14 -9.45
C MET B 114 0.15 5.09 -9.52
N MET B 115 0.55 3.82 -9.61
CA MET B 115 -0.38 2.73 -9.83
C MET B 115 -0.51 1.88 -8.57
N SER B 116 -1.14 0.71 -8.70
CA SER B 116 -1.47 -0.17 -7.59
C SER B 116 -0.28 -1.01 -7.11
N ASN B 117 0.94 -0.65 -7.50
CA ASN B 117 2.13 -1.35 -7.03
C ASN B 117 3.08 -0.46 -6.24
N GLY B 118 2.72 0.79 -6.01
CA GLY B 118 3.61 1.71 -5.31
C GLY B 118 4.74 2.26 -6.14
N TYR B 119 4.59 2.28 -7.47
CA TYR B 119 5.64 2.75 -8.37
C TYR B 119 5.15 3.94 -9.17
N LYS B 120 6.04 4.91 -9.39
CA LYS B 120 5.76 6.10 -10.17
C LYS B 120 7.00 6.46 -10.96
N PRO B 121 6.87 6.69 -12.27
CA PRO B 121 8.05 7.03 -13.08
C PRO B 121 8.65 8.36 -12.64
N ALA B 122 9.98 8.40 -12.51
CA ALA B 122 10.70 9.60 -12.08
C ALA B 122 11.96 9.74 -12.93
N PRO B 123 11.82 10.03 -14.21
CA PRO B 123 13.00 10.25 -15.05
C PRO B 123 13.74 11.51 -14.64
N LEU B 124 14.99 11.59 -15.07
CA LEU B 124 15.83 12.73 -14.73
C LEU B 124 15.35 13.97 -15.47
N ASP B 125 15.43 15.12 -14.80
CA ASP B 125 15.04 16.41 -15.38
C ASP B 125 16.20 16.97 -16.20
N LEU B 126 16.28 16.57 -17.47
CA LEU B 126 17.34 16.99 -18.37
C LEU B 126 16.92 18.15 -19.26
N SER B 127 16.04 19.01 -18.77
CA SER B 127 15.56 20.13 -19.57
C SER B 127 16.61 21.22 -19.73
N ASP B 128 17.54 21.33 -18.79
CA ASP B 128 18.57 22.37 -18.84
C ASP B 128 19.80 21.96 -19.64
N VAL B 129 19.71 20.90 -20.44
CA VAL B 129 20.82 20.42 -21.24
C VAL B 129 20.63 20.88 -22.67
N LYS B 130 21.55 21.70 -23.17
CA LYS B 130 21.56 22.13 -24.55
C LYS B 130 22.57 21.27 -25.31
N LEU B 131 22.24 20.97 -26.56
CA LEU B 131 23.08 20.09 -27.38
C LEU B 131 23.64 20.85 -28.57
N LEU B 132 24.87 20.50 -28.93
CA LEU B 132 25.51 21.09 -30.10
C LEU B 132 25.04 20.37 -31.36
N PRO B 133 25.09 21.05 -32.51
CA PRO B 133 24.68 20.42 -33.76
C PRO B 133 25.41 19.10 -33.98
N PRO B 134 26.74 19.08 -33.81
CA PRO B 134 27.46 17.82 -34.03
C PRO B 134 27.04 16.70 -33.11
N GLN B 135 26.67 16.99 -31.86
CA GLN B 135 26.19 15.94 -30.97
C GLN B 135 24.78 15.49 -31.31
N GLU B 136 23.99 16.36 -31.95
CA GLU B 136 22.67 15.95 -32.41
C GLU B 136 22.76 14.99 -33.59
N ILE B 137 23.65 15.27 -34.54
CA ILE B 137 23.87 14.34 -35.64
C ILE B 137 24.37 13.01 -35.10
N LEU B 138 25.07 13.03 -33.98
CA LEU B 138 25.47 11.78 -33.34
C LEU B 138 24.25 11.03 -32.85
N VAL B 139 23.30 11.74 -32.25
CA VAL B 139 22.08 11.10 -31.77
C VAL B 139 21.27 10.53 -32.93
N ASP B 140 21.25 11.23 -34.07
CA ASP B 140 20.58 10.70 -35.25
C ASP B 140 21.23 9.40 -35.70
N LYS B 141 22.56 9.33 -35.65
CA LYS B 141 23.24 8.10 -36.02
C LYS B 141 23.00 7.01 -34.98
N LEU B 142 23.05 7.37 -33.70
CA LEU B 142 22.75 6.42 -32.65
C LEU B 142 21.32 5.88 -32.76
N ALA B 143 20.39 6.75 -33.16
CA ALA B 143 18.99 6.33 -33.25
C ALA B 143 18.80 5.29 -34.34
N GLU B 144 19.36 5.54 -35.54
CA GLU B 144 19.26 4.58 -36.62
C GLU B 144 19.97 3.27 -36.27
N ASN B 145 21.07 3.34 -35.52
CA ASN B 145 21.81 2.14 -35.16
C ASN B 145 21.03 1.31 -34.12
N ALA B 146 20.42 1.98 -33.14
CA ALA B 146 19.66 1.26 -32.13
C ALA B 146 18.52 0.45 -32.75
N HIS B 147 17.93 0.95 -33.85
CA HIS B 147 16.86 0.20 -34.51
C HIS B 147 17.36 -1.13 -35.07
N ASN B 148 18.57 -1.14 -35.67
CA ASN B 148 19.08 -2.38 -36.25
C ASN B 148 19.56 -3.35 -35.20
N VAL B 149 20.19 -2.85 -34.12
CA VAL B 149 20.60 -3.74 -33.04
C VAL B 149 19.38 -4.43 -32.44
N TRP B 150 18.27 -3.69 -32.32
CA TRP B 150 17.02 -4.31 -31.88
C TRP B 150 16.53 -5.33 -32.89
N ALA B 151 16.66 -5.02 -34.19
CA ALA B 151 16.19 -5.94 -35.21
C ALA B 151 17.07 -7.18 -35.31
N LYS B 152 18.36 -7.05 -35.02
CA LYS B 152 19.27 -8.18 -35.16
C LYS B 152 18.97 -9.27 -34.13
N ASP B 153 18.86 -8.90 -32.86
CA ASP B 153 18.52 -9.89 -31.84
C ASP B 153 17.13 -10.46 -32.06
N ARG B 154 16.17 -9.62 -32.46
CA ARG B 154 14.84 -10.14 -32.77
C ARG B 154 14.90 -11.15 -33.89
N ILE B 155 15.64 -10.85 -34.96
CA ILE B 155 15.80 -11.80 -36.05
C ILE B 155 16.47 -13.07 -35.54
N LYS B 156 17.47 -12.92 -34.68
CA LYS B 156 18.17 -14.07 -34.13
C LYS B 156 17.34 -14.81 -33.09
N GLN B 157 16.27 -14.20 -32.58
CA GLN B 157 15.29 -14.91 -31.76
C GLN B 157 14.13 -15.44 -32.59
N GLY B 158 14.21 -15.33 -33.91
CA GLY B 158 13.18 -15.83 -34.80
C GLY B 158 12.16 -14.81 -35.27
N TRP B 159 12.33 -13.53 -34.92
CA TRP B 159 11.37 -12.51 -35.30
C TRP B 159 11.50 -12.14 -36.76
N THR B 160 10.37 -12.13 -37.47
CA THR B 160 10.28 -11.71 -38.86
C THR B 160 9.28 -10.57 -38.98
N TYR B 161 8.93 -10.21 -40.21
CA TYR B 161 7.96 -9.16 -40.44
C TYR B 161 6.54 -9.72 -40.39
N GLY B 162 5.61 -8.89 -39.93
CA GLY B 162 4.21 -9.25 -39.83
C GLY B 162 3.33 -8.02 -39.72
N ILE B 163 2.33 -7.94 -40.59
CA ILE B 163 1.45 -6.78 -40.62
C ILE B 163 0.84 -6.50 -39.25
N GLN B 164 0.60 -7.53 -38.46
CA GLN B 164 0.03 -7.39 -37.13
C GLN B 164 1.04 -7.78 -36.06
N GLN B 165 1.16 -6.96 -35.02
CA GLN B 165 2.00 -7.32 -33.88
C GLN B 165 1.38 -8.52 -33.19
N ASP B 166 2.19 -9.54 -32.90
CA ASP B 166 1.66 -10.77 -32.32
C ASP B 166 2.49 -11.23 -31.13
N LEU B 167 1.82 -11.43 -30.00
CA LEU B 167 2.43 -11.97 -28.79
C LEU B 167 2.50 -13.51 -28.79
N LYS B 168 2.42 -14.14 -29.96
CA LYS B 168 2.50 -15.60 -30.04
C LYS B 168 3.75 -16.00 -30.80
N ASN B 169 3.62 -16.18 -32.11
CA ASN B 169 4.80 -16.33 -32.95
C ASN B 169 5.44 -14.97 -33.16
N LYS B 170 6.74 -14.98 -33.44
CA LYS B 170 7.52 -13.76 -33.53
C LYS B 170 7.10 -12.96 -34.75
N ARG B 171 6.51 -11.80 -34.49
CA ARG B 171 5.98 -10.98 -35.57
C ARG B 171 5.99 -9.53 -35.10
N ASN B 172 6.34 -8.60 -36.00
CA ASN B 172 6.24 -7.15 -35.74
C ASN B 172 6.35 -6.34 -37.03
N PRO B 173 5.38 -5.45 -37.31
CA PRO B 173 5.40 -4.71 -38.58
C PRO B 173 6.50 -3.68 -38.67
N ARG B 174 7.19 -3.39 -37.57
CA ARG B 174 8.25 -2.39 -37.56
C ARG B 174 9.63 -2.99 -37.78
N LEU B 175 9.72 -4.31 -37.98
CA LEU B 175 10.99 -4.97 -38.30
C LEU B 175 11.34 -4.68 -39.75
N VAL B 176 11.66 -3.42 -40.01
CA VAL B 176 11.99 -2.95 -41.36
C VAL B 176 13.15 -1.97 -41.28
N PRO B 177 13.79 -1.71 -42.42
CA PRO B 177 14.89 -0.74 -42.45
C PRO B 177 14.48 0.61 -41.89
N TYR B 178 15.47 1.38 -41.41
CA TYR B 178 15.17 2.67 -40.80
C TYR B 178 14.53 3.63 -41.79
N ALA B 179 14.74 3.42 -43.10
CA ALA B 179 14.06 4.25 -44.09
C ALA B 179 12.59 3.87 -44.20
N LEU B 180 12.28 2.57 -44.12
CA LEU B 180 10.92 2.08 -44.18
C LEU B 180 10.22 2.11 -42.82
N LEU B 181 10.70 2.91 -41.88
CA LEU B 181 10.12 2.99 -40.55
C LEU B 181 9.25 4.24 -40.42
N ASP B 182 8.13 4.10 -39.72
CA ASP B 182 7.25 5.23 -39.52
C ASP B 182 7.96 6.33 -38.73
N GLU B 183 7.76 7.58 -39.16
CA GLU B 183 8.49 8.69 -38.57
C GLU B 183 8.16 8.87 -37.10
N ARG B 184 6.99 8.40 -36.65
CA ARG B 184 6.67 8.46 -35.23
C ARG B 184 7.64 7.62 -34.41
N THR B 185 7.90 6.39 -34.85
CA THR B 185 8.84 5.54 -34.13
C THR B 185 10.27 6.03 -34.32
N LYS B 186 10.60 6.49 -35.53
CA LYS B 186 11.95 7.02 -35.75
C LYS B 186 12.24 8.20 -34.85
N LYS B 187 11.28 9.12 -34.70
CA LYS B 187 11.47 10.26 -33.82
C LYS B 187 11.45 9.84 -32.37
N SER B 188 10.59 8.88 -32.01
CA SER B 188 10.52 8.42 -30.62
C SER B 188 11.85 7.80 -30.18
N ASN B 189 12.48 7.02 -31.06
CA ASN B 189 13.78 6.44 -30.72
C ASN B 189 14.85 7.52 -30.61
N ARG B 190 14.81 8.51 -31.50
CA ARG B 190 15.80 9.59 -31.43
C ARG B 190 15.68 10.34 -30.11
N ASP B 191 14.45 10.60 -29.67
CA ASP B 191 14.26 11.24 -28.37
C ASP B 191 14.84 10.38 -27.25
N SER B 192 14.65 9.06 -27.33
CA SER B 192 15.15 8.17 -26.29
C SER B 192 16.67 8.25 -26.17
N LEU B 193 17.38 8.18 -27.30
CA LEU B 193 18.83 8.26 -27.25
C LEU B 193 19.35 9.68 -27.06
N ARG B 194 18.51 10.68 -27.35
CA ARG B 194 18.86 12.05 -27.00
C ARG B 194 18.90 12.24 -25.50
N GLU B 195 17.96 11.61 -24.78
CA GLU B 195 18.03 11.61 -23.34
C GLU B 195 19.21 10.78 -22.85
N ALA B 196 19.60 9.76 -23.63
CA ALA B 196 20.78 8.97 -23.29
C ALA B 196 22.04 9.83 -23.32
N VAL B 197 22.22 10.62 -24.38
CA VAL B 197 23.37 11.50 -24.44
C VAL B 197 23.27 12.58 -23.38
N ARG B 198 22.06 13.07 -23.12
CA ARG B 198 21.87 14.03 -22.03
C ARG B 198 22.12 13.38 -20.67
N THR B 199 21.87 12.06 -20.55
CA THR B 199 22.14 11.39 -19.29
C THR B 199 23.62 11.41 -18.93
N PHE B 200 24.49 11.13 -19.91
CA PHE B 200 25.92 11.21 -19.65
C PHE B 200 26.33 12.62 -19.23
N VAL B 201 25.92 13.63 -20.00
CA VAL B 201 26.25 15.00 -19.64
C VAL B 201 25.53 15.39 -18.35
N GLY B 202 24.33 14.84 -18.13
CA GLY B 202 23.63 15.12 -16.90
C GLY B 202 24.32 14.54 -15.68
N TYR B 203 25.10 13.49 -15.87
CA TYR B 203 25.94 12.92 -14.83
C TYR B 203 27.38 13.43 -14.90
N GLY B 204 27.70 14.25 -15.89
CA GLY B 204 29.00 14.88 -16.01
C GLY B 204 29.99 14.24 -16.96
N TYR B 205 29.52 13.52 -17.98
CA TYR B 205 30.38 12.89 -18.97
C TYR B 205 30.34 13.68 -20.26
N ASN B 206 31.52 13.90 -20.86
CA ASN B 206 31.64 14.62 -22.12
C ASN B 206 31.73 13.63 -23.27
N ILE B 207 30.80 13.74 -24.21
CA ILE B 207 30.84 12.96 -25.44
C ILE B 207 31.61 13.78 -26.47
N GLU B 208 32.88 13.42 -26.67
CA GLU B 208 33.73 14.15 -27.61
C GLU B 208 34.74 13.17 -28.20
N PRO B 209 35.19 13.41 -29.42
CA PRO B 209 36.17 12.51 -30.03
C PRO B 209 37.53 12.63 -29.35
N SER B 210 38.28 11.53 -29.36
CA SER B 210 39.60 11.49 -28.75
C SER B 210 40.67 11.15 -29.78
N PHE C 5 40.46 -8.16 -2.51
CA PHE C 5 39.32 -8.67 -1.77
C PHE C 5 38.11 -8.89 -2.67
N ILE C 6 37.55 -10.09 -2.62
CA ILE C 6 36.44 -10.49 -3.48
C ILE C 6 35.33 -11.08 -2.62
N PRO C 7 34.22 -10.37 -2.41
CA PRO C 7 33.14 -10.92 -1.59
C PRO C 7 32.23 -11.86 -2.37
N CYS C 8 32.58 -13.14 -2.41
CA CYS C 8 31.77 -14.15 -3.11
C CYS C 8 31.11 -15.06 -2.09
N PRO C 9 29.81 -14.92 -1.83
CA PRO C 9 29.16 -15.77 -0.85
C PRO C 9 28.69 -17.08 -1.46
N VAL C 10 27.97 -17.89 -0.69
CA VAL C 10 27.40 -19.11 -1.23
C VAL C 10 26.32 -18.74 -2.22
N ASP C 11 26.35 -19.37 -3.39
CA ASP C 11 25.40 -19.03 -4.45
C ASP C 11 24.00 -19.50 -4.07
N THR C 12 23.07 -18.55 -3.93
CA THR C 12 21.69 -18.86 -3.61
C THR C 12 20.81 -18.84 -4.85
N SER C 13 21.40 -18.83 -6.03
CA SER C 13 20.65 -18.82 -7.28
C SER C 13 20.30 -20.24 -7.68
N GLN C 14 19.23 -20.37 -8.46
CA GLN C 14 18.72 -21.67 -8.89
C GLN C 14 18.13 -22.46 -7.73
N VAL C 15 17.69 -21.78 -6.68
CA VAL C 15 17.10 -22.41 -5.52
C VAL C 15 15.97 -21.53 -4.99
N ILE C 16 14.85 -22.16 -4.65
CA ILE C 16 13.70 -21.48 -4.08
C ILE C 16 13.42 -22.08 -2.71
N LEU C 17 12.63 -21.37 -1.92
CA LEU C 17 12.27 -21.83 -0.59
C LEU C 17 10.93 -22.52 -0.64
N PRO C 18 10.85 -23.82 -0.35
CA PRO C 18 9.57 -24.49 -0.40
C PRO C 18 8.62 -23.94 0.64
N PRO C 19 7.31 -23.98 0.38
CA PRO C 19 6.35 -23.37 1.31
C PRO C 19 6.36 -23.97 2.71
N HIS C 20 6.91 -25.17 2.91
CA HIS C 20 6.88 -25.68 4.27
C HIS C 20 7.87 -24.97 5.18
N LEU C 21 8.80 -24.22 4.60
CA LEU C 21 9.68 -23.31 5.34
C LEU C 21 9.25 -21.85 5.23
N GLU C 22 8.27 -21.56 4.37
CA GLU C 22 7.83 -20.17 4.16
C GLU C 22 7.29 -19.53 5.42
N LYS C 23 6.72 -20.32 6.32
CA LYS C 23 6.14 -19.74 7.54
C LYS C 23 7.20 -19.02 8.36
N ILE C 24 8.33 -19.66 8.62
CA ILE C 24 9.39 -19.09 9.46
C ILE C 24 9.98 -17.83 8.83
N ARG C 25 10.12 -17.79 7.51
CA ARG C 25 10.71 -16.62 6.88
C ARG C 25 10.03 -15.32 7.30
N ASP C 26 8.70 -15.35 7.47
CA ASP C 26 7.99 -14.15 7.91
C ASP C 26 8.24 -13.89 9.38
N ARG C 27 8.23 -14.95 10.19
CA ARG C 27 8.52 -14.81 11.61
C ARG C 27 9.98 -14.46 11.86
N LEU C 28 10.90 -15.00 11.06
CA LEU C 28 12.31 -14.66 11.22
C LEU C 28 12.55 -13.18 10.91
N ALA C 29 11.91 -12.66 9.87
CA ALA C 29 12.11 -11.27 9.49
C ALA C 29 11.55 -10.32 10.54
N GLU C 30 10.39 -10.66 11.13
CA GLU C 30 9.81 -9.81 12.16
C GLU C 30 10.72 -9.73 13.38
N ASN C 31 11.20 -10.88 13.86
CA ASN C 31 12.05 -10.90 15.04
C ASN C 31 13.37 -10.19 14.80
N ILE C 32 13.93 -10.34 13.60
CA ILE C 32 15.22 -9.72 13.30
C ILE C 32 15.13 -8.20 13.41
N HIS C 33 14.00 -7.62 13.06
CA HIS C 33 13.83 -6.17 13.22
C HIS C 33 13.64 -5.80 14.68
N GLU C 34 12.92 -6.64 15.44
CA GLU C 34 12.75 -6.37 16.86
C GLU C 34 14.09 -6.23 17.57
N LEU C 35 15.06 -7.08 17.22
CA LEU C 35 16.40 -6.91 17.77
C LEU C 35 16.98 -5.57 17.33
N TRP C 36 16.69 -5.15 16.10
CA TRP C 36 17.14 -3.85 15.63
C TRP C 36 16.51 -2.74 16.45
N GLY C 37 15.20 -2.77 16.62
CA GLY C 37 14.53 -1.75 17.40
C GLY C 37 15.00 -1.71 18.84
N MET C 38 15.17 -2.88 19.46
CA MET C 38 15.63 -2.93 20.84
C MET C 38 17.08 -2.46 20.96
N ASN C 39 17.97 -3.04 20.14
CA ASN C 39 19.37 -2.66 20.20
C ASN C 39 19.55 -1.18 19.88
N LYS C 40 18.64 -0.61 19.08
CA LYS C 40 18.76 0.80 18.73
C LYS C 40 18.44 1.69 19.92
N ILE C 41 17.41 1.36 20.69
CA ILE C 41 17.17 2.08 21.95
C ILE C 41 18.33 1.85 22.90
N GLU C 42 18.85 0.62 22.93
CA GLU C 42 19.99 0.27 23.77
C GLU C 42 21.26 1.04 23.40
N LEU C 43 21.17 1.86 22.35
CA LEU C 43 22.32 2.60 21.87
C LEU C 43 21.91 3.99 21.40
N GLY C 44 21.03 4.64 22.18
CA GLY C 44 20.86 6.07 22.08
C GLY C 44 19.90 6.58 21.03
N TRP C 45 19.15 5.73 20.36
CA TRP C 45 18.36 6.15 19.22
C TRP C 45 16.89 6.30 19.57
N THR C 46 16.16 6.98 18.68
CA THR C 46 14.74 7.21 18.88
C THR C 46 14.08 7.34 17.51
N PHE C 47 12.76 7.49 17.51
CA PHE C 47 12.01 7.61 16.26
C PHE C 47 12.02 9.03 15.72
N GLY C 48 12.07 9.12 14.40
CA GLY C 48 11.97 10.36 13.64
C GLY C 48 11.61 9.99 12.23
N LYS C 49 11.18 10.98 11.44
CA LYS C 49 10.84 10.73 10.05
C LYS C 49 11.90 11.23 9.09
N ILE C 50 12.72 12.19 9.51
CA ILE C 50 13.87 12.68 8.76
C ILE C 50 15.11 12.33 9.55
N ARG C 51 15.94 11.44 9.01
CA ARG C 51 17.09 10.94 9.74
C ARG C 51 18.00 12.07 10.20
N ASP C 52 18.23 12.16 11.52
CA ASP C 52 19.10 13.18 12.10
C ASP C 52 20.00 12.48 13.11
N ASP C 53 21.19 12.06 12.64
CA ASP C 53 21.87 10.98 13.37
C ASP C 53 22.17 11.40 14.79
N ASN C 54 22.59 12.65 14.97
CA ASN C 54 22.97 13.10 16.30
C ASN C 54 21.75 13.15 17.21
N LYS C 55 20.62 13.65 16.70
CA LYS C 55 19.41 13.67 17.50
C LYS C 55 18.90 12.26 17.81
N ARG C 56 19.53 11.23 17.24
CA ARG C 56 19.16 9.84 17.47
C ARG C 56 17.84 9.47 16.82
N GLN C 57 17.56 10.02 15.64
CA GLN C 57 16.25 9.90 15.01
C GLN C 57 16.36 9.02 13.77
N HIS C 58 15.39 8.11 13.61
CA HIS C 58 15.35 7.21 12.46
C HIS C 58 13.90 6.87 12.18
N PRO C 59 13.50 6.79 10.91
CA PRO C 59 12.08 6.49 10.62
C PRO C 59 11.69 5.07 10.94
N CYS C 60 12.55 4.11 10.63
CA CYS C 60 12.24 2.70 10.83
C CYS C 60 12.22 2.36 12.31
N LEU C 61 11.25 2.92 13.04
CA LEU C 61 11.09 2.65 14.47
C LEU C 61 9.62 2.32 14.73
N VAL C 62 9.16 1.21 14.15
CA VAL C 62 7.77 0.78 14.22
C VAL C 62 7.71 -0.73 14.09
N GLU C 63 6.52 -1.28 14.27
CA GLU C 63 6.25 -2.67 13.91
C GLU C 63 6.44 -2.86 12.41
N PHE C 64 7.29 -3.82 12.03
CA PHE C 64 7.66 -4.06 10.63
C PHE C 64 6.50 -3.84 9.66
N SER C 65 5.30 -4.31 10.04
CA SER C 65 4.13 -4.17 9.18
C SER C 65 3.96 -2.75 8.67
N LYS C 66 4.51 -1.75 9.36
CA LYS C 66 4.25 -0.36 9.02
C LYS C 66 5.53 0.39 8.69
N LEU C 67 6.47 -0.26 8.03
CA LEU C 67 7.72 0.32 7.62
C LEU C 67 7.71 0.60 6.13
N PRO C 68 8.68 1.36 5.64
CA PRO C 68 8.77 1.60 4.19
C PRO C 68 8.93 0.29 3.43
N GLU C 69 8.67 0.36 2.13
CA GLU C 69 8.74 -0.85 1.31
C GLU C 69 10.19 -1.23 1.01
N THR C 70 11.04 -0.24 0.73
CA THR C 70 12.43 -0.54 0.41
C THR C 70 13.17 -1.15 1.61
N GLU C 71 12.96 -0.59 2.79
CA GLU C 71 13.65 -1.11 3.98
C GLU C 71 13.08 -2.46 4.40
N LYS C 72 11.77 -2.65 4.28
CA LYS C 72 11.18 -3.93 4.68
C LYS C 72 11.66 -5.05 3.78
N ASN C 73 11.60 -4.84 2.46
CA ASN C 73 12.00 -5.87 1.51
C ASN C 73 13.43 -6.33 1.76
N TYR C 74 14.32 -5.40 2.09
CA TYR C 74 15.71 -5.78 2.36
C TYR C 74 15.80 -6.70 3.57
N ASN C 75 14.92 -6.50 4.56
CA ASN C 75 14.93 -7.38 5.73
C ASN C 75 14.34 -8.73 5.39
N LEU C 76 13.39 -8.78 4.46
CA LEU C 76 12.79 -10.05 4.04
C LEU C 76 13.72 -10.81 3.11
N GLN C 77 14.43 -10.11 2.22
CA GLN C 77 15.34 -10.78 1.29
C GLN C 77 16.54 -11.37 2.02
N MET C 78 17.19 -10.58 2.87
CA MET C 78 18.34 -11.09 3.63
C MET C 78 17.93 -12.24 4.54
N SER C 79 16.73 -12.15 5.12
CA SER C 79 16.22 -13.26 5.93
C SER C 79 15.97 -14.50 5.06
N THR C 80 15.37 -14.31 3.89
CA THR C 80 15.11 -15.44 2.99
C THR C 80 16.42 -16.04 2.49
N GLU C 81 17.41 -15.21 2.17
CA GLU C 81 18.68 -15.72 1.66
C GLU C 81 19.40 -16.57 2.69
N THR C 82 19.28 -16.23 3.98
CA THR C 82 19.91 -17.04 5.01
C THR C 82 19.30 -18.44 5.06
N LEU C 83 17.96 -18.53 5.03
CA LEU C 83 17.32 -19.83 4.98
C LEU C 83 17.78 -20.61 3.75
N LYS C 84 17.76 -19.97 2.58
CA LYS C 84 18.24 -20.62 1.38
C LYS C 84 19.72 -20.99 1.49
N THR C 85 20.49 -20.20 2.23
CA THR C 85 21.93 -20.47 2.38
C THR C 85 22.16 -21.76 3.16
N LEU C 86 21.37 -22.00 4.22
CA LEU C 86 21.52 -23.24 4.97
C LEU C 86 21.27 -24.45 4.07
N LEU C 87 20.24 -24.38 3.22
CA LEU C 87 19.98 -25.46 2.29
C LEU C 87 21.13 -25.64 1.29
N ALA C 88 21.71 -24.53 0.85
CA ALA C 88 22.87 -24.59 -0.04
C ALA C 88 24.13 -25.08 0.68
N LEU C 89 24.12 -25.09 2.01
CA LEU C 89 25.26 -25.55 2.80
C LEU C 89 25.18 -27.02 3.17
N GLY C 90 24.09 -27.70 2.83
CA GLY C 90 23.97 -29.13 3.10
C GLY C 90 23.18 -29.51 4.35
N CYS C 91 22.44 -28.58 4.93
CA CYS C 91 21.65 -28.85 6.12
C CYS C 91 20.18 -29.04 5.77
N HIS C 92 19.47 -29.78 6.62
CA HIS C 92 18.06 -30.07 6.44
C HIS C 92 17.25 -29.33 7.49
N ILE C 93 16.04 -28.91 7.12
CA ILE C 93 15.15 -28.14 7.99
C ILE C 93 13.79 -28.81 8.01
N ALA C 94 13.31 -29.17 9.21
CA ALA C 94 12.02 -29.81 9.36
C ALA C 94 11.35 -29.35 10.65
N HIS C 95 10.05 -29.13 10.58
CA HIS C 95 9.23 -28.75 11.74
C HIS C 95 8.71 -30.01 12.42
N VAL C 96 8.88 -30.08 13.74
CA VAL C 96 8.51 -31.27 14.49
C VAL C 96 7.59 -30.97 15.66
N ASN C 97 7.97 -30.00 16.50
CA ASN C 97 7.20 -29.71 17.72
C ASN C 97 6.05 -28.74 17.44
N PRO C 98 4.82 -29.22 17.40
CA PRO C 98 3.69 -28.33 17.06
C PRO C 98 3.19 -27.48 18.21
N ALA C 99 3.53 -27.80 19.45
CA ALA C 99 3.05 -27.05 20.61
C ALA C 99 4.04 -26.01 21.10
N ALA C 100 5.20 -25.88 20.46
CA ALA C 100 6.22 -24.93 20.91
C ALA C 100 5.78 -23.48 20.68
N GLU C 101 4.94 -23.24 19.67
CA GLU C 101 4.56 -21.86 19.34
C GLU C 101 3.76 -21.21 20.46
N GLU C 102 3.06 -22.00 21.28
CA GLU C 102 2.35 -21.43 22.41
C GLU C 102 3.29 -21.08 23.56
N ASP C 103 4.37 -21.84 23.74
CA ASP C 103 5.35 -21.57 24.78
C ASP C 103 6.50 -20.68 24.30
N LEU C 104 6.24 -19.79 23.34
CA LEU C 104 7.26 -18.90 22.79
C LEU C 104 6.85 -17.47 23.13
N LYS C 105 7.23 -17.03 24.33
CA LYS C 105 6.93 -15.68 24.78
C LYS C 105 7.95 -14.69 24.23
N LYS C 106 7.61 -13.40 24.34
CA LYS C 106 8.43 -12.30 23.88
C LYS C 106 8.92 -11.49 25.08
N VAL C 107 10.11 -10.89 24.95
CA VAL C 107 10.70 -10.11 26.02
C VAL C 107 9.96 -8.77 26.16
N LYS C 108 10.35 -7.99 27.17
CA LYS C 108 9.70 -6.71 27.45
C LYS C 108 10.62 -5.90 28.35
N LEU C 109 10.94 -4.70 27.94
CA LEU C 109 11.91 -3.83 28.60
C LEU C 109 11.20 -2.76 29.41
N PRO C 110 11.95 -1.99 30.20
CA PRO C 110 11.33 -0.92 31.00
C PRO C 110 10.56 0.06 30.15
N LYS C 111 9.79 0.93 30.83
CA LYS C 111 8.94 1.87 30.13
C LYS C 111 9.76 2.88 29.32
N ASN C 112 10.98 3.19 29.76
CA ASN C 112 11.78 4.15 29.02
C ASN C 112 12.21 3.61 27.66
N TYR C 113 12.02 2.31 27.42
CA TYR C 113 12.29 1.69 26.13
C TYR C 113 11.13 1.85 25.16
N MET C 114 10.06 2.55 25.57
CA MET C 114 8.93 2.83 24.70
C MET C 114 9.13 4.17 24.04
N MET C 115 8.82 4.26 22.75
CA MET C 115 9.12 5.44 21.98
C MET C 115 7.86 6.24 21.68
N SER C 116 8.00 7.24 20.80
CA SER C 116 6.95 8.19 20.50
C SER C 116 5.95 7.68 19.47
N ASN C 117 5.94 6.39 19.18
CA ASN C 117 4.97 5.81 18.27
C ASN C 117 4.11 4.74 18.93
N GLY C 118 4.27 4.51 20.23
CA GLY C 118 3.59 3.41 20.87
C GLY C 118 4.26 2.08 20.63
N TYR C 119 5.50 2.09 20.20
CA TYR C 119 6.23 0.88 19.84
C TYR C 119 7.18 0.49 20.97
N LYS C 120 7.03 -0.73 21.45
CA LYS C 120 7.91 -1.29 22.47
C LYS C 120 8.48 -2.59 21.94
N PRO C 121 9.79 -2.66 21.66
CA PRO C 121 10.36 -3.89 21.12
C PRO C 121 9.99 -5.11 21.96
N ALA C 122 9.60 -6.19 21.28
CA ALA C 122 9.18 -7.43 21.94
C ALA C 122 9.79 -8.60 21.20
N PRO C 123 11.11 -8.75 21.26
CA PRO C 123 11.74 -9.93 20.65
C PRO C 123 11.36 -11.20 21.40
N LEU C 124 11.59 -12.33 20.76
CA LEU C 124 11.30 -13.62 21.39
C LEU C 124 12.21 -13.82 22.58
N ASP C 125 11.68 -14.44 23.63
CA ASP C 125 12.45 -14.70 24.84
C ASP C 125 13.30 -15.94 24.54
N LEU C 126 14.42 -15.70 23.87
CA LEU C 126 15.31 -16.75 23.42
C LEU C 126 16.56 -16.88 24.29
N SER C 127 16.49 -16.44 25.55
CA SER C 127 17.67 -16.48 26.41
C SER C 127 17.93 -17.87 26.99
N ASP C 128 16.89 -18.66 27.23
CA ASP C 128 17.03 -19.99 27.81
C ASP C 128 17.18 -21.08 26.76
N VAL C 129 17.45 -20.70 25.51
CA VAL C 129 17.60 -21.66 24.42
C VAL C 129 19.09 -21.86 24.19
N LYS C 130 19.55 -23.09 24.38
CA LYS C 130 20.96 -23.44 24.20
C LYS C 130 21.20 -24.07 22.84
N LEU C 131 22.37 -23.77 22.28
CA LEU C 131 22.79 -24.25 20.97
C LEU C 131 24.00 -25.14 21.12
N LEU C 132 24.08 -26.16 20.29
CA LEU C 132 25.21 -27.07 20.30
C LEU C 132 26.41 -26.47 19.57
N PRO C 133 27.62 -26.95 19.89
CA PRO C 133 28.82 -26.43 19.23
C PRO C 133 28.68 -26.50 17.72
N PRO C 134 28.19 -27.62 17.19
CA PRO C 134 27.99 -27.70 15.73
C PRO C 134 27.07 -26.62 15.21
N GLN C 135 26.09 -26.20 16.00
CA GLN C 135 25.21 -25.11 15.61
C GLN C 135 25.93 -23.76 15.66
N GLU C 136 26.98 -23.65 16.49
CA GLU C 136 27.78 -22.44 16.51
C GLU C 136 28.59 -22.28 15.23
N ILE C 137 29.17 -23.38 14.74
CA ILE C 137 29.88 -23.32 13.46
C ILE C 137 28.93 -22.95 12.34
N LEU C 138 27.65 -23.32 12.47
CA LEU C 138 26.66 -22.92 11.46
C LEU C 138 26.42 -21.42 11.49
N VAL C 139 26.26 -20.84 12.69
CA VAL C 139 26.05 -19.41 12.79
C VAL C 139 27.29 -18.66 12.30
N ASP C 140 28.48 -19.20 12.58
CA ASP C 140 29.70 -18.60 12.10
C ASP C 140 29.73 -18.56 10.57
N LYS C 141 29.24 -19.62 9.91
CA LYS C 141 29.20 -19.63 8.46
C LYS C 141 28.14 -18.68 7.93
N LEU C 142 26.94 -18.69 8.52
CA LEU C 142 25.91 -17.75 8.10
C LEU C 142 26.32 -16.31 8.39
N ALA C 143 27.02 -16.09 9.50
CA ALA C 143 27.41 -14.73 9.87
C ALA C 143 28.44 -14.17 8.89
N GLU C 144 29.49 -14.94 8.61
CA GLU C 144 30.51 -14.47 7.67
C GLU C 144 29.94 -14.32 6.27
N ASN C 145 29.02 -15.19 5.87
CA ASN C 145 28.44 -15.09 4.53
C ASN C 145 27.52 -13.89 4.41
N ALA C 146 26.71 -13.63 5.45
CA ALA C 146 25.82 -12.48 5.42
C ALA C 146 26.58 -11.18 5.25
N HIS C 147 27.80 -11.11 5.79
CA HIS C 147 28.62 -9.91 5.63
C HIS C 147 28.95 -9.66 4.15
N ASN C 148 29.23 -10.72 3.41
CA ASN C 148 29.56 -10.60 2.00
C ASN C 148 28.32 -10.30 1.16
N VAL C 149 27.20 -10.93 1.52
CA VAL C 149 25.94 -10.62 0.84
C VAL C 149 25.58 -9.16 1.04
N TRP C 150 25.81 -8.64 2.25
CA TRP C 150 25.63 -7.20 2.47
C TRP C 150 26.66 -6.40 1.68
N ALA C 151 27.90 -6.89 1.63
CA ALA C 151 28.95 -6.17 0.92
C ALA C 151 28.73 -6.22 -0.59
N LYS C 152 28.15 -7.31 -1.10
CA LYS C 152 27.90 -7.41 -2.52
C LYS C 152 26.84 -6.40 -2.95
N ASP C 153 25.72 -6.34 -2.22
CA ASP C 153 24.70 -5.36 -2.53
C ASP C 153 25.22 -3.94 -2.35
N ARG C 154 26.02 -3.71 -1.30
CA ARG C 154 26.63 -2.40 -1.11
C ARG C 154 27.57 -2.05 -2.26
N ILE C 155 28.40 -3.01 -2.65
CA ILE C 155 29.31 -2.80 -3.78
C ILE C 155 28.52 -2.55 -5.06
N LYS C 156 27.43 -3.29 -5.26
CA LYS C 156 26.64 -3.13 -6.47
C LYS C 156 25.82 -1.85 -6.47
N GLN C 157 25.66 -1.19 -5.31
CA GLN C 157 25.06 0.13 -5.26
C GLN C 157 26.08 1.25 -5.28
N GLY C 158 27.35 0.93 -5.50
CA GLY C 158 28.41 1.92 -5.59
C GLY C 158 29.21 2.16 -4.33
N TRP C 159 28.96 1.40 -3.27
CA TRP C 159 29.68 1.62 -2.02
C TRP C 159 31.11 1.11 -2.12
N THR C 160 32.06 1.92 -1.68
CA THR C 160 33.47 1.54 -1.64
C THR C 160 33.97 1.59 -0.20
N TYR C 161 35.28 1.43 -0.03
CA TYR C 161 35.89 1.46 1.30
C TYR C 161 36.20 2.90 1.69
N GLY C 162 36.05 3.19 2.98
CA GLY C 162 36.31 4.53 3.48
C GLY C 162 36.46 4.63 4.98
N ILE C 163 37.58 5.23 5.43
CA ILE C 163 37.83 5.37 6.86
C ILE C 163 36.68 6.09 7.56
N GLN C 164 36.01 7.00 6.86
CA GLN C 164 34.89 7.74 7.43
C GLN C 164 33.59 7.32 6.75
N GLN C 165 32.58 7.05 7.57
CA GLN C 165 31.26 6.66 7.07
C GLN C 165 30.62 7.86 6.36
N ASP C 166 30.72 7.88 5.04
CA ASP C 166 30.13 8.92 4.21
C ASP C 166 28.88 8.31 3.58
N LEU C 167 27.73 8.52 4.23
CA LEU C 167 26.49 8.00 3.69
C LEU C 167 25.96 8.86 2.55
N LYS C 168 26.35 10.13 2.49
CA LYS C 168 25.92 10.96 1.38
C LYS C 168 26.54 10.47 0.07
N ASN C 169 27.80 10.05 0.12
CA ASN C 169 28.48 9.40 -0.98
C ASN C 169 28.43 7.88 -0.76
N LYS C 170 29.36 7.15 -1.37
CA LYS C 170 29.36 5.69 -1.34
C LYS C 170 30.68 5.20 -0.73
N ARG C 171 30.84 5.44 0.57
CA ARG C 171 31.99 4.97 1.33
C ARG C 171 31.53 4.36 2.64
N ASN C 172 32.25 3.34 3.08
CA ASN C 172 31.94 2.67 4.34
C ASN C 172 33.15 1.88 4.82
N PRO C 173 33.56 2.07 6.08
CA PRO C 173 34.78 1.42 6.57
C PRO C 173 34.66 -0.08 6.73
N ARG C 174 33.47 -0.65 6.57
CA ARG C 174 33.26 -2.09 6.77
C ARG C 174 33.41 -2.88 5.48
N LEU C 175 33.73 -2.23 4.36
CA LEU C 175 33.98 -2.93 3.10
C LEU C 175 35.38 -3.55 3.13
N VAL C 176 35.53 -4.55 4.00
CA VAL C 176 36.80 -5.24 4.19
C VAL C 176 36.54 -6.72 4.38
N PRO C 177 37.56 -7.56 4.20
CA PRO C 177 37.39 -8.98 4.45
C PRO C 177 36.92 -9.24 5.88
N TYR C 178 36.24 -10.37 6.06
CA TYR C 178 35.70 -10.69 7.38
C TYR C 178 36.79 -10.90 8.41
N ALA C 179 38.02 -11.24 7.98
CA ALA C 179 39.11 -11.39 8.93
C ALA C 179 39.60 -10.04 9.43
N LEU C 180 39.69 -9.05 8.52
CA LEU C 180 40.12 -7.71 8.87
C LEU C 180 38.97 -6.85 9.39
N LEU C 181 37.91 -7.47 9.89
CA LEU C 181 36.75 -6.73 10.37
C LEU C 181 36.82 -6.61 11.89
N ASP C 182 36.47 -5.43 12.41
CA ASP C 182 36.53 -5.20 13.84
C ASP C 182 35.58 -6.11 14.60
N GLU C 183 36.05 -6.68 15.71
CA GLU C 183 35.27 -7.65 16.45
C GLU C 183 34.01 -7.07 17.08
N ARG C 184 33.97 -5.75 17.32
CA ARG C 184 32.75 -5.15 17.86
C ARG C 184 31.61 -5.29 16.87
N THR C 185 31.84 -4.92 15.61
CA THR C 185 30.80 -5.08 14.60
C THR C 185 30.60 -6.54 14.24
N LYS C 186 31.69 -7.30 14.15
CA LYS C 186 31.60 -8.72 13.84
C LYS C 186 30.80 -9.48 14.89
N LYS C 187 31.04 -9.19 16.17
CA LYS C 187 30.31 -9.89 17.22
C LYS C 187 28.84 -9.51 17.25
N SER C 188 28.53 -8.23 17.01
CA SER C 188 27.13 -7.80 17.00
C SER C 188 26.35 -8.50 15.89
N ASN C 189 26.94 -8.61 14.70
CA ASN C 189 26.28 -9.32 13.61
C ASN C 189 26.20 -10.81 13.87
N ARG C 190 27.27 -11.39 14.42
CA ARG C 190 27.27 -12.83 14.70
C ARG C 190 26.20 -13.19 15.72
N ASP C 191 26.05 -12.38 16.77
CA ASP C 191 25.01 -12.63 17.76
C ASP C 191 23.63 -12.51 17.13
N SER C 192 23.44 -11.53 16.24
CA SER C 192 22.14 -11.36 15.60
C SER C 192 21.76 -12.61 14.82
N LEU C 193 22.71 -13.19 14.10
CA LEU C 193 22.45 -14.42 13.37
C LEU C 193 22.40 -15.63 14.29
N ARG C 194 22.91 -15.51 15.51
CA ARG C 194 22.73 -16.55 16.51
C ARG C 194 21.27 -16.65 16.94
N GLU C 195 20.60 -15.51 17.09
CA GLU C 195 19.18 -15.52 17.40
C GLU C 195 18.37 -16.05 16.22
N ALA C 196 18.87 -15.86 15.01
CA ALA C 196 18.19 -16.41 13.83
C ALA C 196 18.15 -17.93 13.91
N VAL C 197 19.28 -18.56 14.22
CA VAL C 197 19.29 -20.01 14.38
C VAL C 197 18.47 -20.42 15.60
N ARG C 198 18.55 -19.63 16.68
CA ARG C 198 17.72 -19.89 17.85
C ARG C 198 16.24 -19.65 17.55
N THR C 199 15.93 -18.76 16.62
CA THR C 199 14.54 -18.52 16.23
C THR C 199 13.94 -19.79 15.62
N PHE C 200 14.72 -20.50 14.82
CA PHE C 200 14.27 -21.79 14.28
C PHE C 200 13.91 -22.74 15.40
N VAL C 201 14.81 -22.89 16.37
CA VAL C 201 14.57 -23.78 17.51
C VAL C 201 13.39 -23.30 18.35
N GLY C 202 13.20 -21.98 18.44
CA GLY C 202 12.09 -21.46 19.23
C GLY C 202 10.72 -21.78 18.66
N TYR C 203 10.63 -21.98 17.35
CA TYR C 203 9.38 -22.38 16.71
C TYR C 203 9.27 -23.88 16.49
N GLY C 204 10.32 -24.64 16.78
CA GLY C 204 10.27 -26.07 16.65
C GLY C 204 10.85 -26.65 15.37
N TYR C 205 11.82 -25.99 14.75
CA TYR C 205 12.40 -26.53 13.53
C TYR C 205 13.72 -27.21 13.84
N ASN C 206 13.95 -28.35 13.20
CA ASN C 206 15.14 -29.16 13.40
C ASN C 206 16.18 -28.84 12.33
N ILE C 207 17.40 -28.51 12.76
CA ILE C 207 18.51 -28.31 11.85
C ILE C 207 19.21 -29.63 11.55
N PHE D 5 -31.60 11.80 21.44
CA PHE D 5 -30.33 11.89 20.73
C PHE D 5 -29.28 12.61 21.57
N ILE D 6 -28.12 11.98 21.73
CA ILE D 6 -27.05 12.50 22.57
C ILE D 6 -25.76 12.50 21.75
N PRO D 7 -25.25 13.66 21.34
CA PRO D 7 -24.04 13.68 20.52
C PRO D 7 -22.77 13.56 21.36
N CYS D 8 -22.31 12.33 21.55
CA CYS D 8 -21.10 12.05 22.30
C CYS D 8 -20.02 11.62 21.33
N PRO D 9 -19.02 12.46 21.04
CA PRO D 9 -18.01 12.09 20.04
C PRO D 9 -16.89 11.24 20.63
N VAL D 10 -15.86 10.97 19.81
CA VAL D 10 -14.74 10.16 20.26
C VAL D 10 -13.94 10.89 21.34
N ASP D 11 -13.66 10.19 22.42
CA ASP D 11 -12.90 10.76 23.53
C ASP D 11 -11.44 10.90 23.13
N THR D 12 -10.93 12.12 23.12
CA THR D 12 -9.55 12.41 22.75
C THR D 12 -8.65 12.61 23.96
N SER D 13 -9.10 12.21 25.15
CA SER D 13 -8.35 12.37 26.39
C SER D 13 -7.36 11.24 26.63
N GLN D 14 -7.80 9.99 26.49
CA GLN D 14 -6.89 8.89 26.77
C GLN D 14 -5.78 8.74 25.74
N VAL D 15 -5.57 9.75 24.91
CA VAL D 15 -4.54 9.74 23.88
C VAL D 15 -4.03 11.16 23.67
N ILE D 16 -2.73 11.31 23.49
CA ILE D 16 -2.10 12.59 23.24
C ILE D 16 -1.51 12.57 21.83
N LEU D 17 -1.17 13.76 21.33
CA LEU D 17 -0.67 13.88 19.97
C LEU D 17 0.85 13.82 19.97
N PRO D 18 1.45 12.83 19.31
CA PRO D 18 2.91 12.71 19.34
C PRO D 18 3.57 13.91 18.70
N PRO D 19 4.77 14.26 19.15
CA PRO D 19 5.43 15.48 18.64
C PRO D 19 5.69 15.45 17.13
N HIS D 20 5.78 14.27 16.52
CA HIS D 20 6.00 14.20 15.08
C HIS D 20 4.73 14.49 14.29
N LEU D 21 3.56 14.52 14.92
CA LEU D 21 2.34 14.98 14.28
C LEU D 21 2.00 16.42 14.64
N GLU D 22 2.71 17.01 15.60
CA GLU D 22 2.46 18.40 15.97
C GLU D 22 2.79 19.34 14.82
N LYS D 23 3.82 19.01 14.03
CA LYS D 23 4.20 19.87 12.91
C LYS D 23 3.10 19.92 11.86
N ILE D 24 2.65 18.75 11.41
CA ILE D 24 1.62 18.71 10.37
C ILE D 24 0.33 19.36 10.89
N ARG D 25 0.01 19.12 12.15
CA ARG D 25 -1.21 19.68 12.75
C ARG D 25 -1.30 21.20 12.58
N ASP D 26 -0.16 21.88 12.65
CA ASP D 26 -0.16 23.34 12.53
C ASP D 26 -0.48 23.77 11.10
N ARG D 27 0.11 23.10 10.12
CA ARG D 27 -0.21 23.42 8.72
C ARG D 27 -1.64 23.03 8.40
N LEU D 28 -2.16 21.99 9.04
CA LEU D 28 -3.55 21.58 8.83
C LEU D 28 -4.51 22.70 9.23
N ALA D 29 -4.26 23.37 10.36
CA ALA D 29 -5.14 24.44 10.80
C ALA D 29 -5.04 25.67 9.89
N GLU D 30 -3.83 25.97 9.41
CA GLU D 30 -3.66 27.15 8.56
C GLU D 30 -4.48 27.05 7.28
N ASN D 31 -4.41 25.90 6.60
CA ASN D 31 -5.14 25.75 5.35
C ASN D 31 -6.65 25.82 5.57
N ILE D 32 -7.13 25.27 6.68
CA ILE D 32 -8.57 25.27 6.94
C ILE D 32 -9.09 26.70 7.09
N HIS D 33 -8.29 27.59 7.68
CA HIS D 33 -8.73 28.98 7.80
C HIS D 33 -8.66 29.71 6.47
N GLU D 34 -7.63 29.41 5.66
CA GLU D 34 -7.54 29.97 4.32
C GLU D 34 -8.77 29.61 3.49
N LEU D 35 -9.22 28.36 3.61
CA LEU D 35 -10.43 27.92 2.92
C LEU D 35 -11.67 28.66 3.40
N TRP D 36 -11.71 29.01 4.69
CA TRP D 36 -12.88 29.70 5.23
C TRP D 36 -13.13 31.03 4.52
N GLY D 37 -12.07 31.82 4.34
CA GLY D 37 -12.24 33.09 3.66
C GLY D 37 -12.81 32.94 2.26
N MET D 38 -12.37 31.91 1.54
CA MET D 38 -12.86 31.68 0.18
C MET D 38 -14.34 31.33 0.18
N ASN D 39 -14.74 30.33 0.96
CA ASN D 39 -16.14 29.90 0.95
C ASN D 39 -17.08 31.02 1.38
N LYS D 40 -16.62 31.91 2.26
CA LYS D 40 -17.49 33.01 2.68
C LYS D 40 -17.60 34.06 1.59
N ILE D 41 -16.48 34.38 0.94
CA ILE D 41 -16.52 35.27 -0.22
C ILE D 41 -17.35 34.68 -1.35
N GLU D 42 -17.31 33.35 -1.52
CA GLU D 42 -18.05 32.71 -2.60
C GLU D 42 -19.54 32.95 -2.59
N LEU D 43 -20.12 33.51 -1.52
CA LEU D 43 -21.58 33.70 -1.49
C LEU D 43 -21.96 34.76 -0.46
N GLY D 44 -22.02 36.02 -0.90
CA GLY D 44 -22.72 37.04 -0.14
C GLY D 44 -21.95 37.70 0.97
N TRP D 45 -20.65 37.48 1.09
CA TRP D 45 -19.88 37.97 2.23
C TRP D 45 -19.05 39.20 1.87
N THR D 46 -18.61 39.89 2.91
CA THR D 46 -17.77 41.08 2.77
C THR D 46 -16.92 41.20 4.03
N PHE D 47 -16.01 42.17 4.05
CA PHE D 47 -15.17 42.35 5.21
C PHE D 47 -15.86 43.20 6.26
N GLY D 48 -15.65 42.85 7.52
CA GLY D 48 -16.13 43.70 8.61
C GLY D 48 -15.44 43.35 9.92
N LYS D 49 -15.46 44.32 10.84
CA LYS D 49 -14.93 44.14 12.18
C LYS D 49 -16.01 44.08 13.24
N ILE D 50 -17.18 44.66 12.97
CA ILE D 50 -18.34 44.59 13.85
C ILE D 50 -19.41 43.84 13.08
N ARG D 51 -19.77 42.65 13.56
CA ARG D 51 -20.67 41.79 12.81
C ARG D 51 -21.97 42.52 12.49
N ASP D 52 -22.26 42.68 11.21
CA ASP D 52 -23.48 43.32 10.75
C ASP D 52 -24.14 42.52 9.63
N GLU D 69 -8.04 36.47 19.85
CA GLU D 69 -7.26 35.31 20.25
C GLU D 69 -8.16 34.21 20.82
N THR D 70 -9.19 34.61 21.56
CA THR D 70 -10.07 33.63 22.19
C THR D 70 -10.80 32.79 21.14
N GLU D 71 -11.35 33.45 20.12
CA GLU D 71 -12.02 32.73 19.06
C GLU D 71 -11.03 32.06 18.10
N LYS D 72 -9.88 32.71 17.87
CA LYS D 72 -8.89 32.17 16.95
C LYS D 72 -8.28 30.88 17.48
N ASN D 73 -7.89 30.86 18.75
CA ASN D 73 -7.21 29.70 19.32
C ASN D 73 -8.00 28.42 19.11
N TYR D 74 -9.34 28.51 19.21
CA TYR D 74 -10.17 27.32 19.04
C TYR D 74 -10.01 26.72 17.65
N ASN D 75 -9.71 27.54 16.64
CA ASN D 75 -9.55 27.02 15.28
C ASN D 75 -8.30 26.17 15.14
N LEU D 76 -7.24 26.48 15.90
CA LEU D 76 -6.05 25.65 15.88
C LEU D 76 -6.27 24.35 16.64
N GLN D 77 -7.09 24.41 17.69
CA GLN D 77 -7.38 23.23 18.50
C GLN D 77 -8.13 22.18 17.68
N MET D 78 -9.13 22.60 16.91
CA MET D 78 -9.91 21.66 16.10
C MET D 78 -9.01 20.89 15.13
N SER D 79 -7.97 21.52 14.59
CA SER D 79 -7.02 20.79 13.78
C SER D 79 -6.30 19.73 14.61
N THR D 80 -5.89 20.08 15.83
CA THR D 80 -5.25 19.11 16.71
C THR D 80 -6.22 18.01 17.11
N GLU D 81 -7.48 18.38 17.40
CA GLU D 81 -8.46 17.38 17.81
C GLU D 81 -8.75 16.38 16.69
N THR D 82 -8.71 16.83 15.43
CA THR D 82 -8.92 15.91 14.32
C THR D 82 -7.81 14.86 14.26
N LEU D 83 -6.56 15.29 14.37
CA LEU D 83 -5.45 14.35 14.41
C LEU D 83 -5.62 13.36 15.56
N LYS D 84 -5.92 13.86 16.77
CA LYS D 84 -6.16 12.98 17.89
C LYS D 84 -7.33 12.05 17.62
N THR D 85 -8.32 12.51 16.86
CA THR D 85 -9.49 11.67 16.58
C THR D 85 -9.09 10.46 15.75
N LEU D 86 -8.22 10.64 14.76
CA LEU D 86 -7.73 9.51 13.99
C LEU D 86 -6.95 8.55 14.88
N LEU D 87 -6.11 9.09 15.77
CA LEU D 87 -5.37 8.24 16.70
C LEU D 87 -6.32 7.49 17.63
N ALA D 88 -7.38 8.14 18.07
CA ALA D 88 -8.37 7.48 18.91
C ALA D 88 -9.20 6.47 18.14
N LEU D 89 -9.17 6.52 16.80
CA LEU D 89 -9.92 5.57 15.98
C LEU D 89 -9.09 4.37 15.55
N GLY D 90 -7.79 4.35 15.83
CA GLY D 90 -6.96 3.21 15.49
C GLY D 90 -6.18 3.29 14.20
N CYS D 91 -6.04 4.48 13.60
CA CYS D 91 -5.34 4.63 12.33
C CYS D 91 -3.92 5.16 12.55
N HIS D 92 -3.03 4.88 11.60
CA HIS D 92 -1.63 5.32 11.65
C HIS D 92 -1.35 6.36 10.57
N ILE D 93 -0.50 7.34 10.90
CA ILE D 93 -0.09 8.44 10.00
C ILE D 93 1.42 8.64 10.15
N ALA D 94 2.15 8.55 9.02
CA ALA D 94 3.60 8.65 9.03
C ALA D 94 4.07 9.38 7.79
N HIS D 95 5.09 10.22 7.93
CA HIS D 95 5.60 10.92 6.77
C HIS D 95 6.70 10.12 6.06
N VAL D 96 6.57 9.98 4.74
CA VAL D 96 7.45 9.07 4.01
C VAL D 96 8.10 9.83 2.87
N ASN D 97 7.28 10.46 2.04
CA ASN D 97 7.82 11.20 0.92
C ASN D 97 8.15 12.64 1.33
N PRO D 98 9.44 12.93 1.53
CA PRO D 98 9.83 14.27 2.00
C PRO D 98 9.88 15.34 0.93
N ALA D 99 9.79 14.99 -0.34
CA ALA D 99 9.91 15.95 -1.43
C ALA D 99 8.57 16.49 -1.89
N ALA D 100 7.47 16.09 -1.24
CA ALA D 100 6.15 16.57 -1.63
C ALA D 100 5.99 18.06 -1.35
N GLU D 101 6.72 18.59 -0.37
CA GLU D 101 6.58 20.00 -0.01
C GLU D 101 7.01 20.90 -1.15
N GLU D 102 7.89 20.42 -2.03
CA GLU D 102 8.23 21.18 -3.23
C GLU D 102 7.10 21.09 -4.25
N ASP D 103 6.36 19.98 -4.24
CA ASP D 103 5.20 19.78 -5.11
C ASP D 103 3.90 20.26 -4.48
N LEU D 104 3.96 21.33 -3.67
CA LEU D 104 2.79 21.87 -2.98
C LEU D 104 2.52 23.26 -3.51
N LYS D 105 1.77 23.34 -4.61
CA LYS D 105 1.39 24.61 -5.21
C LYS D 105 0.18 25.19 -4.48
N LYS D 106 -0.07 26.47 -4.74
CA LYS D 106 -1.20 27.19 -4.15
C LYS D 106 -2.20 27.57 -5.24
N VAL D 107 -3.48 27.60 -4.85
CA VAL D 107 -4.54 27.98 -5.78
C VAL D 107 -4.52 29.48 -5.96
N LYS D 108 -3.76 29.96 -6.96
CA LYS D 108 -3.64 31.39 -7.18
C LYS D 108 -4.90 31.91 -7.86
N LEU D 109 -5.59 32.83 -7.21
CA LEU D 109 -6.85 33.38 -7.65
C LEU D 109 -6.70 34.83 -8.11
N PRO D 110 -7.74 35.39 -8.72
CA PRO D 110 -7.69 36.80 -9.12
C PRO D 110 -7.48 37.72 -7.92
N LYS D 111 -7.24 38.99 -8.23
CA LYS D 111 -7.00 39.98 -7.19
C LYS D 111 -8.22 40.23 -6.31
N ASN D 112 -9.43 39.95 -6.82
CA ASN D 112 -10.65 40.24 -6.08
C ASN D 112 -10.79 39.41 -4.79
N TYR D 113 -9.92 38.43 -4.57
CA TYR D 113 -9.96 37.70 -3.31
C TYR D 113 -9.28 38.47 -2.18
N MET D 114 -8.79 39.68 -2.47
CA MET D 114 -8.20 40.57 -1.49
C MET D 114 -9.25 41.54 -0.98
N MET D 115 -9.25 41.79 0.32
CA MET D 115 -10.24 42.63 0.97
C MET D 115 -9.57 43.95 1.33
N SER D 116 -10.25 44.76 2.14
CA SER D 116 -9.74 46.09 2.45
C SER D 116 -8.63 46.07 3.50
N ASN D 117 -8.08 44.89 3.78
CA ASN D 117 -6.96 44.73 4.68
C ASN D 117 -5.73 44.13 4.02
N GLY D 118 -5.78 43.88 2.71
CA GLY D 118 -4.69 43.21 2.02
C GLY D 118 -4.68 41.71 2.20
N PRO D 121 -7.38 35.01 0.61
CA PRO D 121 -7.21 33.60 0.94
C PRO D 121 -6.47 32.82 -0.14
N ALA D 122 -5.50 32.00 0.26
CA ALA D 122 -4.68 31.21 -0.67
C ALA D 122 -4.49 29.81 -0.10
N PRO D 123 -5.55 29.02 -0.04
CA PRO D 123 -5.42 27.64 0.42
C PRO D 123 -4.59 26.80 -0.55
N LEU D 124 -4.13 25.65 -0.04
CA LEU D 124 -3.32 24.76 -0.85
C LEU D 124 -4.12 24.15 -1.99
N ASP D 125 -3.46 23.96 -3.13
CA ASP D 125 -4.07 23.42 -4.34
C ASP D 125 -4.11 21.89 -4.28
N LEU D 126 -5.17 21.36 -3.65
CA LEU D 126 -5.35 19.92 -3.50
C LEU D 126 -6.31 19.35 -4.54
N SER D 127 -6.36 19.95 -5.73
CA SER D 127 -7.22 19.41 -6.78
C SER D 127 -6.66 18.12 -7.34
N ASP D 128 -5.34 17.90 -7.19
CA ASP D 128 -4.66 16.73 -7.71
C ASP D 128 -4.67 15.56 -6.74
N VAL D 129 -5.52 15.57 -5.72
CA VAL D 129 -5.56 14.51 -4.71
C VAL D 129 -6.72 13.56 -4.99
N LYS D 130 -6.40 12.30 -5.27
CA LYS D 130 -7.39 11.25 -5.37
C LYS D 130 -7.36 10.45 -4.07
N LEU D 131 -8.52 10.02 -3.61
CA LEU D 131 -8.63 9.32 -2.33
C LEU D 131 -9.15 7.90 -2.53
N LEU D 132 -8.65 6.99 -1.70
CA LEU D 132 -9.09 5.60 -1.70
C LEU D 132 -10.41 5.47 -0.93
N PRO D 133 -11.16 4.41 -1.21
CA PRO D 133 -12.46 4.22 -0.53
C PRO D 133 -12.31 4.30 0.98
N PRO D 134 -11.32 3.61 1.56
CA PRO D 134 -11.17 3.68 3.02
C PRO D 134 -10.91 5.08 3.53
N GLN D 135 -10.19 5.91 2.77
CA GLN D 135 -9.98 7.30 3.17
C GLN D 135 -11.23 8.14 2.99
N GLU D 136 -12.10 7.76 2.04
CA GLU D 136 -13.37 8.45 1.88
C GLU D 136 -14.31 8.10 3.02
N ILE D 137 -14.40 6.82 3.37
CA ILE D 137 -15.21 6.40 4.52
C ILE D 137 -14.65 6.99 5.80
N LEU D 138 -13.33 7.23 5.84
CA LEU D 138 -12.73 7.87 7.00
C LEU D 138 -13.20 9.32 7.13
N VAL D 139 -13.26 10.04 6.00
CA VAL D 139 -13.76 11.41 6.04
C VAL D 139 -15.21 11.42 6.49
N ASP D 140 -15.98 10.41 6.08
CA ASP D 140 -17.37 10.31 6.52
C ASP D 140 -17.45 10.15 8.03
N LYS D 141 -16.54 9.35 8.62
CA LYS D 141 -16.54 9.19 10.07
C LYS D 141 -16.03 10.45 10.77
N LEU D 142 -14.97 11.05 10.24
CA LEU D 142 -14.46 12.29 10.83
C LEU D 142 -15.49 13.40 10.73
N ALA D 143 -16.28 13.42 9.65
CA ALA D 143 -17.27 14.47 9.46
C ALA D 143 -18.38 14.36 10.50
N GLU D 144 -18.91 13.16 10.70
CA GLU D 144 -19.96 12.97 11.70
C GLU D 144 -19.46 13.28 13.10
N ASN D 145 -18.20 12.97 13.39
CA ASN D 145 -17.65 13.27 14.71
C ASN D 145 -17.46 14.76 14.90
N ALA D 146 -16.98 15.46 13.87
CA ALA D 146 -16.83 16.91 13.97
C ALA D 146 -18.17 17.57 14.25
N HIS D 147 -19.26 16.99 13.75
CA HIS D 147 -20.59 17.54 14.04
C HIS D 147 -20.91 17.45 15.52
N ASN D 148 -20.58 16.34 16.17
CA ASN D 148 -20.90 16.21 17.59
C ASN D 148 -19.96 17.05 18.45
N VAL D 149 -18.68 17.11 18.09
CA VAL D 149 -17.76 17.96 18.83
C VAL D 149 -18.19 19.41 18.74
N TRP D 150 -18.67 19.84 17.56
CA TRP D 150 -19.20 21.19 17.43
C TRP D 150 -20.49 21.34 18.26
N ALA D 151 -21.35 20.33 18.23
CA ALA D 151 -22.60 20.39 18.97
C ALA D 151 -22.38 20.27 20.47
N LYS D 152 -21.37 19.51 20.89
CA LYS D 152 -21.11 19.32 22.31
C LYS D 152 -20.65 20.62 22.96
N ASP D 153 -19.67 21.29 22.33
CA ASP D 153 -19.22 22.58 22.85
C ASP D 153 -20.35 23.61 22.81
N ARG D 154 -21.17 23.56 21.76
CA ARG D 154 -22.32 24.46 21.71
C ARG D 154 -23.26 24.21 22.89
N ILE D 155 -23.53 22.93 23.19
CA ILE D 155 -24.35 22.62 24.35
C ILE D 155 -23.70 23.14 25.61
N LYS D 156 -22.38 23.00 25.71
CA LYS D 156 -21.64 23.46 26.89
C LYS D 156 -21.50 24.98 26.94
N GLN D 157 -21.73 25.68 25.83
CA GLN D 157 -21.77 27.14 25.84
C GLN D 157 -23.18 27.70 25.96
N GLY D 158 -24.19 26.86 26.16
CA GLY D 158 -25.55 27.35 26.32
C GLY D 158 -26.37 27.40 25.06
N TRP D 159 -25.85 26.89 23.95
CA TRP D 159 -26.55 26.99 22.66
C TRP D 159 -27.74 26.04 22.64
N THR D 160 -28.88 26.54 22.19
CA THR D 160 -30.08 25.72 22.07
C THR D 160 -30.53 25.67 20.61
N TYR D 161 -31.65 24.99 20.39
CA TYR D 161 -32.23 24.87 19.05
C TYR D 161 -33.19 26.00 18.74
N GLY D 162 -33.26 26.37 17.47
CA GLY D 162 -34.19 27.38 17.02
C GLY D 162 -34.39 27.40 15.52
N ILE D 163 -35.65 27.32 15.07
CA ILE D 163 -35.92 27.37 13.63
C ILE D 163 -35.29 28.63 13.06
N GLN D 164 -35.22 29.67 13.87
CA GLN D 164 -34.57 30.93 13.53
C GLN D 164 -33.34 31.04 14.42
N GLN D 165 -32.20 31.39 13.83
CA GLN D 165 -30.95 31.46 14.58
C GLN D 165 -30.98 32.55 15.65
N ASP D 166 -30.53 32.19 16.85
CA ASP D 166 -30.40 33.09 17.98
C ASP D 166 -31.74 33.56 18.54
N LEU D 167 -32.77 32.71 18.47
CA LEU D 167 -34.08 33.05 19.06
C LEU D 167 -34.03 32.75 20.56
N LYS D 168 -33.17 33.48 21.26
CA LYS D 168 -33.00 33.33 22.70
C LYS D 168 -32.32 32.00 23.02
N ARG D 171 -28.15 29.88 19.58
CA ARG D 171 -29.17 29.09 18.89
C ARG D 171 -28.79 28.89 17.42
N ASN D 172 -29.08 27.71 16.90
CA ASN D 172 -28.81 27.38 15.51
C ASN D 172 -29.64 26.15 15.12
N PRO D 173 -30.34 26.21 13.98
CA PRO D 173 -31.25 25.12 13.60
C PRO D 173 -30.55 23.82 13.23
N ARG D 174 -29.23 23.77 13.22
CA ARG D 174 -28.51 22.56 12.82
C ARG D 174 -28.23 21.61 13.97
N LEU D 175 -28.72 21.91 15.18
CA LEU D 175 -28.57 21.02 16.33
C LEU D 175 -29.58 19.88 16.22
N VAL D 176 -29.32 19.00 15.26
CA VAL D 176 -30.17 17.85 14.98
C VAL D 176 -29.29 16.66 14.63
N PRO D 177 -29.85 15.45 14.68
CA PRO D 177 -29.06 14.27 14.31
C PRO D 177 -28.46 14.44 12.92
N TYR D 178 -27.35 13.75 12.68
CA TYR D 178 -26.65 13.89 11.41
C TYR D 178 -27.48 13.37 10.24
N ALA D 179 -28.43 12.46 10.49
CA ALA D 179 -29.30 11.98 9.43
C ALA D 179 -30.38 13.00 9.08
N LEU D 180 -30.93 13.68 10.09
CA LEU D 180 -31.98 14.68 9.91
C LEU D 180 -31.42 16.06 9.58
N LEU D 181 -30.20 16.13 9.05
CA LEU D 181 -29.54 17.38 8.72
C LEU D 181 -29.72 17.68 7.24
N ASP D 182 -29.86 18.96 6.91
CA ASP D 182 -30.03 19.34 5.51
C ASP D 182 -28.82 18.89 4.71
N GLU D 183 -29.09 18.29 3.56
CA GLU D 183 -28.03 17.66 2.79
C GLU D 183 -27.00 18.66 2.27
N ARG D 184 -27.39 19.92 2.10
CA ARG D 184 -26.44 20.94 1.67
C ARG D 184 -25.36 21.16 2.73
N THR D 185 -25.77 21.31 3.99
CA THR D 185 -24.80 21.53 5.06
C THR D 185 -23.99 20.29 5.35
N LYS D 186 -24.63 19.11 5.32
CA LYS D 186 -23.89 17.88 5.56
C LYS D 186 -22.79 17.68 4.52
N LYS D 187 -23.09 17.95 3.25
CA LYS D 187 -22.09 17.84 2.20
C LYS D 187 -21.02 18.92 2.33
N SER D 188 -21.43 20.13 2.72
CA SER D 188 -20.45 21.21 2.88
C SER D 188 -19.44 20.88 3.96
N ASN D 189 -19.88 20.27 5.06
CA ASN D 189 -18.96 19.90 6.12
C ASN D 189 -18.00 18.80 5.67
N ARG D 190 -18.51 17.81 4.92
CA ARG D 190 -17.64 16.74 4.44
C ARG D 190 -16.56 17.29 3.49
N ASP D 191 -16.93 18.21 2.62
CA ASP D 191 -15.93 18.81 1.72
C ASP D 191 -14.83 19.48 2.53
N SER D 192 -15.20 20.17 3.62
CA SER D 192 -14.21 20.82 4.46
C SER D 192 -13.23 19.80 5.05
N LEU D 193 -13.77 18.70 5.59
CA LEU D 193 -12.91 17.66 6.14
C LEU D 193 -12.28 16.78 5.06
N ARG D 194 -12.82 16.80 3.84
CA ARG D 194 -12.16 16.12 2.74
C ARG D 194 -10.82 16.78 2.41
N GLU D 195 -10.77 18.10 2.48
CA GLU D 195 -9.50 18.79 2.30
C GLU D 195 -8.55 18.55 3.46
N ALA D 196 -9.09 18.35 4.67
CA ALA D 196 -8.25 18.06 5.82
C ALA D 196 -7.53 16.72 5.65
N VAL D 197 -8.26 15.68 5.28
CA VAL D 197 -7.64 14.38 5.04
C VAL D 197 -6.78 14.43 3.78
N ARG D 198 -7.22 15.16 2.76
CA ARG D 198 -6.41 15.35 1.57
C ARG D 198 -5.15 16.12 1.87
N THR D 199 -5.18 16.97 2.90
CA THR D 199 -3.97 17.69 3.30
C THR D 199 -2.88 16.70 3.72
N PHE D 200 -3.26 15.65 4.44
CA PHE D 200 -2.30 14.61 4.79
C PHE D 200 -1.69 13.98 3.55
N VAL D 201 -2.53 13.55 2.61
CA VAL D 201 -2.03 12.92 1.39
C VAL D 201 -1.22 13.89 0.56
N GLY D 202 -1.61 15.17 0.57
CA GLY D 202 -0.84 16.17 -0.15
C GLY D 202 0.54 16.42 0.42
N TYR D 203 0.74 16.13 1.71
CA TYR D 203 2.02 16.28 2.36
C TYR D 203 2.82 14.99 2.40
N GLY D 204 2.23 13.87 1.99
CA GLY D 204 2.93 12.61 1.96
C GLY D 204 2.73 11.72 3.17
N TYR D 205 1.61 11.83 3.84
CA TYR D 205 1.31 11.00 5.00
C TYR D 205 0.31 9.91 4.63
N ASN D 206 0.54 8.70 5.16
CA ASN D 206 -0.31 7.56 4.85
C ASN D 206 -1.38 7.43 5.91
N ILE D 207 -2.63 7.47 5.47
CA ILE D 207 -3.80 7.22 6.30
C ILE D 207 -4.16 5.74 6.24
N GLU D 208 -4.44 5.15 7.39
CA GLU D 208 -4.79 3.74 7.46
C GLU D 208 -5.12 3.33 8.89
N PRO D 209 -6.20 2.54 9.10
CA PRO D 209 -6.60 2.11 10.44
C PRO D 209 -5.71 1.01 11.03
N SER D 210 -4.41 1.23 10.98
CA SER D 210 -3.45 0.26 11.51
C SER D 210 -3.58 0.13 13.02
N1 U1C E . -18.49 -13.34 13.29
N3 U1C E . -20.14 -14.70 10.10
C4 U1C E . -19.33 -15.21 8.99
C5 U1C E . -20.18 -16.04 8.07
C6 U1C E . -19.37 -16.39 6.90
C7 U1C E . -20.32 -16.50 5.83
C8 U1C E . -21.53 -15.72 6.24
C10 U1C E . -23.16 -15.92 4.37
C13 U1C E . -25.24 -14.96 5.97
C1 U1C E . -17.96 -13.91 11.11
C11 U1C E . -24.44 -15.78 3.85
C12 U1C E . -25.48 -15.30 4.65
C14 U1C E . -23.96 -15.10 6.46
C2 U1C E . -17.40 -13.40 12.33
C3 U1C E . -19.75 -13.84 12.54
C9 U1C E . -22.94 -15.58 5.67
N2 U1C E . -19.31 -14.19 11.14
N4 U1C E . -26.82 -15.16 4.12
O1 U1C E . -16.26 -13.11 12.48
O2 U1C E . -20.82 -13.93 12.98
O3 U1C E . -21.34 -15.31 7.64
O4 U1C E . -27.72 -15.08 4.83
O5 U1C E . -26.96 -15.10 2.97
H1 U1C E . -18.43 -13.03 14.23
H3 U1C E . -18.54 -15.84 9.35
H5 U1C E . -18.89 -17.34 7.05
H6 U1C E . -20.59 -17.53 5.68
H7 U1C E . -22.36 -16.30 3.75
H8 U1C E . -26.02 -14.58 6.62
H9 U1C E . -17.77 -13.20 10.32
H10 U1C E . -17.42 -14.83 10.91
H11 U1C E . -24.61 -16.06 2.83
H12 U1C E . -23.78 -14.82 7.49
H172 U1C E . -18.65 -15.61 6.69
H08 U1C E . -20.73 -13.97 9.76
H13 U1C E . -20.49 -16.95 8.57
H162 U1C E . -19.91 -16.08 4.92
H202 U1C E . -18.92 -14.37 8.45
PG ACP F . -12.65 -11.83 8.15
O1G ACP F . -13.86 -11.02 7.74
O2G ACP F . -11.41 -11.05 7.84
O3G ACP F . -12.72 -12.11 9.63
PB ACP F . -13.14 -13.14 5.45
O1B ACP F . -13.98 -11.90 5.37
O2B ACP F . -11.91 -12.96 4.58
C3B ACP F . -12.64 -13.45 7.21
PA ACP F . -13.54 -15.50 3.69
O1A ACP F . -12.97 -16.75 4.33
O2A ACP F . -12.49 -14.86 2.83
O3A ACP F . -14.04 -14.43 4.88
O5' ACP F . -14.90 -15.88 2.79
C5' ACP F . -15.39 -14.96 1.83
C4' ACP F . -16.88 -14.97 1.76
O4' ACP F . -17.65 -14.99 3.15
C3' ACP F . -17.12 -13.76 1.20
O3' ACP F . -17.44 -13.83 -0.24
C2' ACP F . -18.30 -13.13 1.91
O2' ACP F . -19.37 -13.05 1.08
C1' ACP F . -18.64 -14.14 3.07
N9 ACP F . -18.69 -13.52 4.39
C8 ACP F . -17.62 -13.46 5.21
N7 ACP F . -18.03 -12.87 6.35
C5 ACP F . -19.32 -12.59 6.24
C6 ACP F . -20.32 -11.92 7.21
N6 ACP F . -19.84 -11.44 8.53
N1 ACP F . -21.68 -11.74 6.82
C2 ACP F . -22.11 -12.18 5.50
N3 ACP F . -21.17 -12.82 4.59
C4 ACP F . -19.74 -13.01 5.01
H3B1 ACP F . -11.65 -13.87 7.24
H3B2 ACP F . -13.34 -14.14 7.67
H5'1 ACP F . -15.05 -13.97 2.09
H5'2 ACP F . -14.99 -15.23 0.86
H4' ACP F . -17.27 -15.84 1.24
H3' ACP F . -16.21 -13.19 1.38
HO3' ACP F . -18.12 -14.46 -0.36
H2' ACP F . -18.02 -12.16 2.28
HO2' ACP F . -20.15 -12.78 1.56
H1' ACP F . -19.58 -14.59 2.77
H8 ACP F . -16.62 -13.82 5.00
HN61 ACP F . -19.01 -11.82 8.95
HN62 ACP F . -20.34 -10.70 9.00
H2 ACP F . -23.15 -12.05 5.21
N1 U1C G . 12.55 -0.01 -32.73
N3 U1C G . 14.03 -0.46 -29.22
C4 U1C G . 13.59 -1.42 -28.24
C5 U1C G . 14.78 -1.75 -27.37
C6 U1C G . 14.37 -2.59 -26.24
C7 U1C G . 15.33 -2.29 -25.23
C8 U1C G . 15.93 -0.97 -25.58
C10 U1C G . 17.54 -0.35 -23.75
C13 U1C G . 18.59 1.74 -25.28
C1 U1C G . 11.96 -0.89 -30.65
C11 U1C G . 18.57 0.44 -23.24
C12 U1C G . 19.10 1.48 -24.01
C14 U1C G . 17.58 0.94 -25.76
C2 U1C G . 11.49 -0.68 -31.99
C3 U1C G . 13.71 0.16 -31.72
C9 U1C G . 17.07 -0.10 -25.01
N2 U1C G . 13.25 -0.42 -30.42
N4 U1C G . 20.15 2.32 -23.48
O1 U1C G . 10.44 -0.99 -32.42
O2 U1C G . 14.76 0.66 -31.93
O3 U1C G . 15.32 -0.53 -26.83
O4 U1C G . 20.92 2.84 -24.17
O5 U1C G . 20.22 2.53 -22.34
H1 U1C G . 12.53 0.27 -33.68
H3 U1C G . 13.23 -2.33 -28.71
H5 U1C G . 14.41 -3.63 -26.52
H6 U1C G . 16.11 -3.05 -25.20
H7 U1C G . 17.14 -1.16 -23.17
H8 U1C G . 18.98 2.55 -25.89
H9 U1C G . 11.30 -0.39 -29.96
H10 U1C G . 11.95 -1.95 -30.46
H11 U1C G . 18.94 0.23 -22.25
H12 U1C G . 17.20 1.14 -26.75
H172 U1C G . 13.37 -2.32 -25.92
H08 U1C G . 14.99 -0.66 -29.47
H13 U1C G . 15.52 -2.27 -27.96
H162 U1C G . 14.84 -2.22 -24.25
H202 U1C G . 12.80 -0.99 -27.63
PG ACP H . 5.80 -3.08 -27.29
O1G ACP H . 4.47 -2.58 -26.80
O2G ACP H . 6.24 -2.28 -28.49
O3G ACP H . 5.68 -4.54 -27.68
PB ACP H . 6.28 -3.54 -24.35
O1B ACP H . 5.53 -4.81 -24.66
O2B ACP H . 5.31 -2.53 -23.81
C3B ACP H . 7.06 -2.92 -25.92
PA ACP H . 7.90 -5.41 -22.78
O1A ACP H . 6.70 -6.13 -22.23
O2A ACP H . 8.43 -6.15 -23.98
O3A ACP H . 7.48 -3.86 -23.23
O5' ACP H . 9.10 -5.34 -21.61
C5' ACP H . 10.42 -5.13 -22.07
C4' ACP H . 11.13 -4.19 -21.14
O4' ACP H . 12.41 -3.59 -21.93
C3' ACP H . 10.35 -3.16 -20.77
O3' ACP H . 9.77 -3.46 -19.44
C2' ACP H . 11.37 -2.05 -20.65
O2' ACP H . 12.05 -2.19 -19.48
C1' ACP H . 12.36 -2.27 -21.85
N9 ACP H . 11.87 -1.65 -23.09
C8 ACP H . 10.84 -2.05 -23.87
N7 ACP H . 10.74 -1.18 -24.90
C5 ACP H . 11.68 -0.25 -24.76
C6 ACP H . 12.04 0.98 -25.63
N6 ACP H . 11.25 1.29 -26.84
N1 ACP H . 13.12 1.83 -25.23
C2 ACP H . 13.88 1.52 -24.03
N3 ACP H . 13.52 0.36 -23.22
C4 ACP H . 12.39 -0.54 -23.64
H3B1 ACP H . 7.33 -1.87 -25.80
H3B2 ACP H . 7.94 -3.49 -26.15
H5'1 ACP H . 10.95 -6.08 -22.09
H5'2 ACP H . 10.39 -4.70 -23.06
H4' ACP H . 11.45 -4.70 -20.23
H3' ACP H . 9.58 -2.92 -21.48
HO3' ACP H . 9.51 -2.65 -19.05
H2' ACP H . 10.89 -1.07 -20.72
HO2' ACP H . 11.58 -2.78 -18.90
H1' ACP H . 13.35 -1.87 -21.65
H8 ACP H . 10.22 -2.92 -23.70
HN61 ACP H . 11.12 0.59 -27.55
HN62 ACP H . 10.84 2.21 -26.94
H2 ACP H . 14.70 2.16 -23.73
#